data_8PSS
#
_entry.id   8PSS
#
_cell.length_a   1.00
_cell.length_b   1.00
_cell.length_c   1.00
_cell.angle_alpha   90.00
_cell.angle_beta   90.00
_cell.angle_gamma   90.00
#
_symmetry.space_group_name_H-M   'P 1'
#
loop_
_entity.id
_entity.type
_entity.pdbx_description
1 polymer 'Polymerase acidic protein (PA-like)'
2 polymer 'Putative PB1'
3 polymer 'RNA-dependent RNA polymerase'
4 polymer "5' cRNA end - cRNA loop (40-mer)"
5 non-polymer 'ZINC ION'
6 non-polymer 'MAGNESIUM ION'
#
loop_
_entity_poly.entity_id
_entity_poly.type
_entity_poly.pdbx_seq_one_letter_code
_entity_poly.pdbx_strand_id
1 'polypeptide(L)'
;MDSRFAQLTGVFCDDFTYSEGSRRFLSSYSTVERRPGVPVEGDCYDCLKNKWIAFELEGQPRKFPKATVRCILNNDATYV
CSEQEYQQICKVQFKDYLEIDGVVKVGHKASYDAELRERLLELPHPKSGPKPRIEWVAPPRLADISKETAELKRQYGFFE
CSKFLACGEECGLDQEARELILNEYARDREFEFRNGGWIQRYTVASHKPATQKILPLPASAPLARELLMLIARSTTQAGK
VLHSDNTSILAVPVMRDSGKHSKRRPTASTHHLVVGLSKPGCEHDFEFDGYRAAVHVMHLDPKQSANIGEQDFVSTREIY
KLDMLELPPISRKGDLDRASGLETRWDVILLLECLDSTRVSQAVAQHFNRHRLALSVCKDEFRKGYQLASEIRGTIPLSS
LYYSLCAVRLRMTVHPFAR
;
A
2 'polypeptide(L)'
;MWAFQEGVCKGNLLSGPTSMKAPDSAARESIDRASEIMTGKSYNAVHTGDLSKLPNQGESPLRIVDSDLYSERSCCWVIE
KEGRVVCKSTTLTRGMTSLLNTTKCSSPSELICKVLTVESLSEKIGDTSVEELLSHGRYFKCALRDQERGKPKSRAIFLS
HPFFRLLSSVVETHARSVLSKVSAVYTATASAEQRAMMAAQVVESRKHVLNGDCTKYNEAIDADTLLKVWDAIGMGSIGV
MLAYMVRRKCVLIKDTLVECPGGMLMGMFNATATLALQGTTDRFLSFSDDFITSFNSPAELREIEDLLFASCHNLSLKKS
YISVASLEINSCTLTRDGDLATGLGCTAGVPFRGPLVTLKQTAAMLSGAVDSGVMPFHSAERLFQIKQQECAYRYNNPTY
TTRNEDFLPTCLGGKTVISFQSLLTWDCHPFWYQVHPDGPDTIDQKVLSVLASKTRRRRTRLEALSDLDPLVPHRLLVSE
SDVSKIRAARQAHLKSLGLEQPTNFNYAIYKAVQPTAGC
;
B
3 'polypeptide(L)'
;MSQFGKSFKGRTEVTITEYRSHTVKDVHRSLLTADKSLRKSFCFRNALNQFLDKDLPLLPIRPKLESRVAVKKSKLRSQL
SFRPGLTQEEAIDLYNKGYDGDSVSGALQDRVVNEPVAYSSADNDKFHRGLAALGYTLADRAFDTCESGFVRAIPTTPCG
FICCGPGSFKDSLGFVIKIGEFWHMYDGFQHFVAVEDAKFLASKSPSFWLAKRLAKRLNLVPKEDPSVAAAECPCKKVWE
ASFARAPTALDPFGGRAFCDQGWVYHRDVGYATANHISQETLFQQALSVRNLGPQGSANVSGSIHTALDRLRAAYSRGTP
ASRSILQGLANLITPVGENFECDLDKRKLNIKALRSPERYITIEGLVVNLDDVVRGFYLDKAKVTVLSRSKWMGYEDLPQ
KPPNGTFYCRKRKAMLLISCSPGTYAKKRKVAVQEDRFKDMRVENFREVAENMDLNQGSGSENLYFQGHHHHHHHHHH
;
C
4 'polyribonucleotide' CCAAAUUUUACUCACAAGUCAGGACGUGAGAAAGAUUUGC V,S
#
loop_
_chem_comp.id
_chem_comp.type
_chem_comp.name
_chem_comp.formula
A RNA linking ADENOSINE-5'-MONOPHOSPHATE 'C10 H14 N5 O7 P'
C RNA linking CYTIDINE-5'-MONOPHOSPHATE 'C9 H14 N3 O8 P'
G RNA linking GUANOSINE-5'-MONOPHOSPHATE 'C10 H14 N5 O8 P'
MG non-polymer 'MAGNESIUM ION' 'Mg 2'
U RNA linking URIDINE-5'-MONOPHOSPHATE 'C9 H13 N2 O9 P'
ZN non-polymer 'ZINC ION' 'Zn 2'
#
# COMPACT_ATOMS: atom_id res chain seq x y z
N MET A 1 34.39 12.94 29.34
CA MET A 1 34.07 12.69 30.78
C MET A 1 33.05 13.71 31.28
N ASP A 2 32.00 13.22 31.94
CA ASP A 2 30.95 14.07 32.47
C ASP A 2 30.52 13.54 33.83
N SER A 3 29.96 14.44 34.63
CA SER A 3 29.50 14.10 35.98
C SER A 3 28.04 13.69 36.03
N ARG A 4 27.33 13.73 34.91
CA ARG A 4 25.92 13.37 34.88
C ARG A 4 25.68 11.86 34.93
N PHE A 5 26.70 11.05 34.65
CA PHE A 5 26.56 9.60 34.60
C PHE A 5 27.08 8.92 35.87
N ALA A 6 27.34 9.68 36.93
CA ALA A 6 27.87 9.09 38.15
C ALA A 6 26.92 8.06 38.73
N GLN A 7 25.63 8.42 38.84
CA GLN A 7 24.65 7.49 39.38
C GLN A 7 24.44 6.31 38.42
N LEU A 8 24.46 6.57 37.12
CA LEU A 8 24.25 5.50 36.15
C LEU A 8 25.32 4.42 36.27
N THR A 9 26.58 4.83 36.42
CA THR A 9 27.66 3.85 36.53
C THR A 9 27.62 3.12 37.87
N GLY A 10 27.20 3.80 38.94
CA GLY A 10 27.15 3.16 40.25
C GLY A 10 26.22 1.96 40.28
N VAL A 11 25.03 2.11 39.71
CA VAL A 11 24.07 1.00 39.67
C VAL A 11 24.40 -0.02 38.59
N PHE A 12 25.27 0.31 37.65
CA PHE A 12 25.63 -0.64 36.60
C PHE A 12 26.31 -1.87 37.18
N CYS A 13 27.21 -1.67 38.16
CA CYS A 13 27.95 -2.77 38.77
C CYS A 13 27.84 -2.63 40.29
N ASP A 14 27.05 -3.53 40.90
CA ASP A 14 26.88 -3.53 42.35
C ASP A 14 27.74 -4.60 43.03
N ASP A 15 27.58 -5.87 42.63
CA ASP A 15 28.31 -6.97 43.23
C ASP A 15 28.73 -7.97 42.16
N PHE A 16 29.23 -7.47 41.03
CA PHE A 16 29.65 -8.32 39.93
C PHE A 16 31.14 -8.61 40.05
N THR A 17 31.49 -9.88 40.19
CA THR A 17 32.86 -10.32 40.37
C THR A 17 33.34 -11.05 39.12
N TYR A 18 34.63 -10.88 38.80
CA TYR A 18 35.17 -11.38 37.55
C TYR A 18 35.95 -12.70 37.70
N SER A 19 36.78 -12.86 38.74
CA SER A 19 37.58 -14.06 38.87
C SER A 19 37.18 -14.91 40.08
N GLU A 20 37.34 -14.40 41.30
CA GLU A 20 36.77 -15.09 42.46
C GLU A 20 36.06 -14.14 43.42
N GLY A 21 36.68 -13.00 43.72
CA GLY A 21 36.11 -12.04 44.64
C GLY A 21 36.07 -10.61 44.14
N SER A 22 36.97 -10.26 43.23
CA SER A 22 37.20 -8.88 42.87
C SER A 22 36.11 -8.37 41.92
N ARG A 23 35.64 -7.15 42.17
CA ARG A 23 34.61 -6.56 41.33
C ARG A 23 35.10 -6.47 39.89
N ARG A 24 34.27 -6.94 38.96
CA ARG A 24 34.65 -6.93 37.56
C ARG A 24 34.77 -5.51 37.02
N PHE A 25 33.80 -4.66 37.34
CA PHE A 25 33.74 -3.31 36.82
C PHE A 25 33.93 -2.31 37.96
N LEU A 26 34.86 -1.38 37.78
CA LEU A 26 35.17 -0.37 38.77
C LEU A 26 34.71 0.99 38.26
N SER A 27 33.89 1.67 39.06
CA SER A 27 33.39 2.97 38.68
C SER A 27 34.49 4.01 38.80
N SER A 28 34.63 4.84 37.75
CA SER A 28 35.64 5.90 37.76
C SER A 28 35.19 7.12 38.57
N TYR A 29 33.92 7.19 38.96
CA TYR A 29 33.43 8.31 39.75
C TYR A 29 33.71 8.15 41.24
N SER A 30 34.12 6.97 41.69
CA SER A 30 34.46 6.72 43.08
C SER A 30 35.95 6.46 43.19
N THR A 31 36.61 7.23 44.06
CA THR A 31 38.06 7.09 44.21
C THR A 31 38.44 5.73 44.77
N VAL A 32 37.55 5.11 45.56
CA VAL A 32 37.87 3.81 46.13
C VAL A 32 38.05 2.76 45.05
N GLU A 33 37.18 2.78 44.03
CA GLU A 33 37.27 1.83 42.94
C GLU A 33 38.13 2.32 41.78
N ARG A 34 38.30 3.63 41.63
CA ARG A 34 39.09 4.17 40.53
C ARG A 34 40.55 3.75 40.68
N ARG A 35 41.19 3.48 39.54
CA ARG A 35 42.59 3.07 39.53
C ARG A 35 43.46 4.33 39.53
N PRO A 36 44.25 4.59 40.57
CA PRO A 36 45.09 5.79 40.56
C PRO A 36 46.29 5.63 39.65
N GLY A 37 46.78 6.78 39.17
CA GLY A 37 48.00 6.81 38.39
C GLY A 37 47.86 6.37 36.95
N VAL A 38 46.65 6.22 36.44
CA VAL A 38 46.44 5.81 35.06
C VAL A 38 45.43 6.74 34.40
N PRO A 39 45.51 6.97 33.09
CA PRO A 39 44.49 7.80 32.43
C PRO A 39 43.13 7.11 32.45
N VAL A 40 42.08 7.92 32.45
CA VAL A 40 40.70 7.43 32.45
C VAL A 40 40.14 7.63 31.04
N GLU A 41 39.87 6.53 30.35
CA GLU A 41 39.29 6.55 29.02
C GLU A 41 37.80 6.24 29.02
N GLY A 42 37.19 6.12 30.19
CA GLY A 42 35.77 5.80 30.26
C GLY A 42 35.32 5.79 31.70
N ASP A 43 34.01 5.58 31.88
CA ASP A 43 33.41 5.58 33.20
C ASP A 43 33.47 4.23 33.89
N CYS A 44 33.89 3.18 33.19
CA CYS A 44 34.02 1.86 33.79
C CYS A 44 35.19 1.13 33.12
N TYR A 45 35.78 0.21 33.87
CA TYR A 45 36.89 -0.60 33.39
C TYR A 45 36.61 -2.06 33.71
N ASP A 46 36.72 -2.93 32.70
CA ASP A 46 36.48 -4.36 32.85
C ASP A 46 37.84 -5.05 32.96
N CYS A 47 38.16 -5.54 34.16
CA CYS A 47 39.43 -6.24 34.35
C CYS A 47 39.47 -7.54 33.54
N LEU A 48 38.36 -8.27 33.50
CA LEU A 48 38.33 -9.54 32.78
C LEU A 48 38.67 -9.33 31.31
N LYS A 49 37.99 -8.39 30.65
CA LYS A 49 38.24 -8.12 29.24
C LYS A 49 39.30 -7.05 29.02
N ASN A 50 39.70 -6.33 30.07
CA ASN A 50 40.73 -5.30 29.97
C ASN A 50 40.37 -4.27 28.90
N LYS A 51 39.25 -3.59 29.11
CA LYS A 51 38.79 -2.57 28.17
C LYS A 51 37.95 -1.55 28.93
N TRP A 52 37.81 -0.38 28.33
CA TRP A 52 37.07 0.73 28.91
C TRP A 52 35.64 0.76 28.37
N ILE A 53 34.70 1.16 29.22
CA ILE A 53 33.29 1.24 28.85
C ILE A 53 32.80 2.66 29.12
N ALA A 54 32.16 3.26 28.12
CA ALA A 54 31.64 4.62 28.24
C ALA A 54 30.15 4.61 27.91
N PHE A 55 29.37 5.27 28.75
CA PHE A 55 27.91 5.34 28.60
C PHE A 55 27.53 6.66 27.93
N GLU A 56 26.71 6.59 26.89
CA GLU A 56 26.19 7.79 26.23
C GLU A 56 24.74 7.56 25.82
N LEU A 57 24.04 8.66 25.61
CA LEU A 57 22.63 8.62 25.25
C LEU A 57 22.48 8.43 23.74
N GLU A 58 21.23 8.33 23.30
CA GLU A 58 20.91 8.22 21.88
C GLU A 58 21.28 9.52 21.18
N GLY A 59 22.29 9.46 20.31
CA GLY A 59 22.62 10.60 19.47
C GLY A 59 23.46 11.67 20.13
N GLN A 60 24.14 11.36 21.23
CA GLN A 60 25.01 12.32 21.92
C GLN A 60 26.36 11.66 22.19
N PRO A 61 27.17 11.48 21.15
CA PRO A 61 28.50 10.88 21.37
C PRO A 61 29.39 11.77 22.22
N ARG A 62 30.25 11.13 22.99
CA ARG A 62 31.21 11.81 23.85
C ARG A 62 32.61 11.72 23.26
N LYS A 63 33.50 12.55 23.78
CA LYS A 63 34.89 12.62 23.31
C LYS A 63 35.71 11.58 24.06
N PHE A 64 35.80 10.39 23.48
CA PHE A 64 36.58 9.30 24.04
C PHE A 64 37.31 8.59 22.91
N PRO A 65 38.40 7.88 23.22
CA PRO A 65 39.12 7.15 22.17
C PRO A 65 38.24 6.06 21.57
N LYS A 66 38.48 5.77 20.29
CA LYS A 66 37.68 4.79 19.58
C LYS A 66 37.77 3.42 20.24
N ALA A 67 38.89 3.11 20.89
CA ALA A 67 39.06 1.82 21.53
C ALA A 67 38.06 1.60 22.67
N THR A 68 37.54 2.66 23.26
CA THR A 68 36.60 2.53 24.36
C THR A 68 35.30 1.90 23.89
N VAL A 69 34.74 1.04 24.72
CA VAL A 69 33.46 0.39 24.41
C VAL A 69 32.34 1.35 24.74
N ARG A 70 31.43 1.54 23.78
CA ARG A 70 30.32 2.48 23.91
C ARG A 70 29.03 1.73 24.15
N CYS A 71 28.25 2.18 25.14
CA CYS A 71 26.94 1.64 25.44
C CYS A 71 25.89 2.71 25.19
N ILE A 72 24.88 2.37 24.39
CA ILE A 72 23.82 3.31 24.01
C ILE A 72 22.59 2.99 24.85
N LEU A 73 22.07 4.02 25.53
CA LEU A 73 20.87 3.89 26.36
C LEU A 73 19.70 4.41 25.55
N ASN A 74 18.95 3.50 24.93
CA ASN A 74 17.85 3.89 24.07
C ASN A 74 16.65 4.33 24.91
N ASN A 75 15.83 5.22 24.34
CA ASN A 75 14.71 5.81 25.06
C ASN A 75 13.51 4.89 25.16
N ASP A 76 13.51 3.77 24.45
CA ASP A 76 12.37 2.84 24.45
C ASP A 76 12.61 1.64 25.37
N ALA A 77 13.25 1.86 26.52
CA ALA A 77 13.44 0.81 27.52
C ALA A 77 14.26 -0.35 26.97
N THR A 78 15.34 -0.03 26.26
CA THR A 78 16.25 -1.04 25.73
C THR A 78 17.63 -0.42 25.59
N TYR A 79 18.65 -1.28 25.50
CA TYR A 79 20.03 -0.85 25.49
C TYR A 79 20.79 -1.57 24.40
N VAL A 80 21.85 -0.92 23.91
CA VAL A 80 22.66 -1.46 22.81
C VAL A 80 24.12 -1.20 23.15
N CYS A 81 24.96 -2.21 22.90
CA CYS A 81 26.40 -2.08 23.12
C CYS A 81 27.11 -3.13 22.27
N SER A 82 28.43 -3.05 22.27
CA SER A 82 29.23 -3.92 21.42
C SER A 82 29.25 -5.36 21.95
N GLU A 83 29.78 -5.55 23.16
CA GLU A 83 29.89 -6.88 23.73
C GLU A 83 28.53 -7.41 24.16
N GLN A 84 28.30 -8.70 23.94
CA GLN A 84 27.05 -9.32 24.34
C GLN A 84 26.85 -9.25 25.85
N GLU A 85 27.92 -9.51 26.61
CA GLU A 85 27.81 -9.50 28.07
C GLU A 85 27.41 -8.13 28.58
N TYR A 86 28.04 -7.07 28.05
CA TYR A 86 27.68 -5.73 28.49
C TYR A 86 26.24 -5.39 28.15
N GLN A 87 25.79 -5.78 26.95
CA GLN A 87 24.40 -5.52 26.57
C GLN A 87 23.43 -6.26 27.48
N GLN A 88 23.74 -7.52 27.81
CA GLN A 88 22.86 -8.28 28.68
C GLN A 88 22.94 -7.78 30.12
N ILE A 89 24.15 -7.49 30.61
CA ILE A 89 24.30 -7.05 31.99
C ILE A 89 23.64 -5.69 32.18
N CYS A 90 23.75 -4.80 31.18
CA CYS A 90 23.09 -3.51 31.27
C CYS A 90 21.58 -3.67 31.29
N LYS A 91 21.05 -4.58 30.47
CA LYS A 91 19.60 -4.75 30.39
C LYS A 91 19.04 -5.19 31.74
N VAL A 92 19.66 -6.19 32.37
CA VAL A 92 19.15 -6.66 33.66
C VAL A 92 19.41 -5.64 34.76
N GLN A 93 20.58 -4.99 34.73
CA GLN A 93 20.92 -4.05 35.79
C GLN A 93 20.04 -2.81 35.75
N PHE A 94 19.77 -2.29 34.55
CA PHE A 94 18.99 -1.08 34.38
C PHE A 94 17.49 -1.37 34.23
N LYS A 95 17.03 -2.49 34.77
CA LYS A 95 15.60 -2.81 34.69
C LYS A 95 14.75 -1.73 35.33
N ASP A 96 15.31 -1.00 36.30
CA ASP A 96 14.62 0.15 36.89
C ASP A 96 14.91 1.39 36.06
N TYR A 97 13.85 2.07 35.61
CA TYR A 97 13.98 3.22 34.73
C TYR A 97 14.34 4.45 35.57
N LEU A 98 15.55 4.97 35.37
CA LEU A 98 16.02 6.15 36.07
C LEU A 98 16.33 7.23 35.04
N GLU A 99 15.81 8.43 35.27
CA GLU A 99 15.99 9.53 34.33
C GLU A 99 17.35 10.17 34.53
N ILE A 100 18.09 10.32 33.44
CA ILE A 100 19.40 10.97 33.43
C ILE A 100 19.24 12.33 32.76
N ASP A 101 19.46 13.40 33.51
CA ASP A 101 19.32 14.74 32.96
C ASP A 101 20.26 14.93 31.78
N GLY A 102 19.75 15.55 30.73
CA GLY A 102 20.54 15.77 29.53
C GLY A 102 19.96 15.05 28.32
N VAL A 103 18.76 14.51 28.48
CA VAL A 103 18.07 13.81 27.40
C VAL A 103 17.10 14.79 26.74
N VAL A 104 17.28 14.99 25.43
CA VAL A 104 16.40 15.89 24.69
C VAL A 104 14.99 15.32 24.67
N LYS A 105 14.00 16.18 24.84
CA LYS A 105 12.60 15.80 24.84
C LYS A 105 11.88 16.43 23.66
N VAL A 106 10.73 15.85 23.31
CA VAL A 106 10.01 16.27 22.12
C VAL A 106 9.61 17.73 22.22
N GLY A 107 9.26 18.18 23.42
CA GLY A 107 8.82 19.55 23.61
C GLY A 107 9.98 20.52 23.78
N HIS A 108 11.19 20.06 23.51
CA HIS A 108 12.36 20.92 23.66
C HIS A 108 12.22 22.18 22.82
N LYS A 109 12.54 23.33 23.42
CA LYS A 109 12.45 24.61 22.74
C LYS A 109 13.84 25.03 22.28
N ALA A 110 14.01 25.13 20.96
CA ALA A 110 15.29 25.52 20.40
C ALA A 110 15.48 27.03 20.49
N SER A 111 16.73 27.46 20.31
CA SER A 111 17.05 28.88 20.40
C SER A 111 16.50 29.68 19.22
N TYR A 112 16.06 29.02 18.15
CA TYR A 112 15.50 29.69 16.99
C TYR A 112 13.98 29.63 16.95
N ASP A 113 13.34 29.20 18.04
CA ASP A 113 11.89 29.08 18.03
C ASP A 113 11.21 30.42 17.78
N ALA A 114 11.68 31.47 18.46
CA ALA A 114 11.05 32.78 18.31
C ALA A 114 11.20 33.29 16.88
N GLU A 115 12.38 33.14 16.29
CA GLU A 115 12.60 33.63 14.93
C GLU A 115 11.70 32.90 13.94
N LEU A 116 11.61 31.57 14.06
CA LEU A 116 10.77 30.81 13.15
C LEU A 116 9.30 31.16 13.34
N ARG A 117 8.87 31.37 14.58
CA ARG A 117 7.48 31.75 14.82
C ARG A 117 7.18 33.12 14.22
N GLU A 118 8.12 34.06 14.36
CA GLU A 118 7.93 35.38 13.74
C GLU A 118 7.84 35.25 12.22
N ARG A 119 8.73 34.45 11.62
CA ARG A 119 8.70 34.27 10.17
C ARG A 119 7.37 33.67 9.74
N LEU A 120 6.87 32.69 10.49
CA LEU A 120 5.56 32.13 10.18
C LEU A 120 4.47 33.20 10.28
N LEU A 121 4.56 34.06 11.30
CA LEU A 121 3.57 35.12 11.45
C LEU A 121 3.57 36.06 10.25
N GLU A 122 4.76 36.42 9.75
CA GLU A 122 4.83 37.32 8.61
C GLU A 122 4.38 36.67 7.31
N LEU A 123 4.20 35.36 7.27
CA LEU A 123 3.80 34.66 6.06
C LEU A 123 2.29 34.70 5.89
N PRO A 124 1.79 34.41 4.70
CA PRO A 124 0.35 34.53 4.45
C PRO A 124 -0.46 33.57 5.32
N HIS A 125 -1.69 33.99 5.63
CA HIS A 125 -2.62 33.20 6.41
C HIS A 125 -3.93 33.06 5.66
N PRO A 126 -4.68 31.98 5.91
CA PRO A 126 -5.94 31.78 5.20
C PRO A 126 -7.06 32.66 5.75
N LYS A 127 -8.09 32.83 4.93
CA LYS A 127 -9.27 33.58 5.29
C LYS A 127 -10.41 32.62 5.57
N SER A 128 -11.21 32.92 6.60
CA SER A 128 -12.34 32.07 6.94
C SER A 128 -13.27 31.95 5.74
N GLY A 129 -13.68 30.71 5.45
CA GLY A 129 -14.53 30.45 4.32
C GLY A 129 -16.00 30.65 4.65
N PRO A 130 -16.85 30.62 3.64
CA PRO A 130 -18.29 30.78 3.88
C PRO A 130 -18.89 29.52 4.48
N LYS A 131 -19.87 29.74 5.37
CA LYS A 131 -20.55 28.63 6.00
C LYS A 131 -21.50 27.97 5.01
N PRO A 132 -21.34 26.69 4.69
CA PRO A 132 -22.23 26.06 3.70
C PRO A 132 -23.64 25.89 4.22
N ARG A 133 -24.59 25.92 3.29
CA ARG A 133 -25.99 25.66 3.58
C ARG A 133 -26.31 24.24 3.10
N ILE A 134 -26.81 23.41 3.99
CA ILE A 134 -27.06 21.99 3.72
C ILE A 134 -28.54 21.73 3.93
N GLU A 135 -29.19 21.19 2.90
CA GLU A 135 -30.58 20.75 2.98
C GLU A 135 -30.64 19.27 2.68
N TRP A 136 -31.26 18.50 3.58
CA TRP A 136 -31.31 17.06 3.47
C TRP A 136 -32.65 16.66 2.83
N VAL A 137 -32.56 15.94 1.71
CA VAL A 137 -33.74 15.53 0.95
C VAL A 137 -33.61 14.03 0.67
N ALA A 138 -34.68 13.47 0.11
CA ALA A 138 -34.68 12.06 -0.23
C ALA A 138 -33.71 11.80 -1.39
N PRO A 139 -33.14 10.60 -1.46
CA PRO A 139 -32.19 10.30 -2.53
C PRO A 139 -32.87 10.29 -3.89
N PRO A 140 -32.12 10.40 -4.98
CA PRO A 140 -32.75 10.53 -6.30
C PRO A 140 -33.56 9.29 -6.66
N ARG A 141 -34.59 9.52 -7.47
CA ARG A 141 -35.49 8.46 -7.90
C ARG A 141 -35.13 8.01 -9.31
N LEU A 142 -35.96 7.14 -9.87
CA LEU A 142 -35.70 6.60 -11.20
C LEU A 142 -35.66 7.70 -12.26
N ALA A 143 -36.43 8.77 -12.05
CA ALA A 143 -36.49 9.84 -13.05
C ALA A 143 -35.15 10.52 -13.23
N ASP A 144 -34.42 10.75 -12.13
CA ASP A 144 -33.13 11.41 -12.24
C ASP A 144 -32.11 10.55 -12.99
N ILE A 145 -32.09 9.24 -12.72
CA ILE A 145 -31.18 8.36 -13.43
C ILE A 145 -31.54 8.31 -14.90
N SER A 146 -32.83 8.24 -15.21
CA SER A 146 -33.26 8.27 -16.60
C SER A 146 -32.83 9.56 -17.28
N LYS A 147 -32.94 10.69 -16.56
CA LYS A 147 -32.53 11.96 -17.12
C LYS A 147 -31.04 11.98 -17.42
N GLU A 148 -30.22 11.45 -16.51
CA GLU A 148 -28.78 11.40 -16.74
C GLU A 148 -28.45 10.54 -17.95
N THR A 149 -29.09 9.37 -18.05
CA THR A 149 -28.86 8.49 -19.18
C THR A 149 -29.26 9.16 -20.49
N ALA A 150 -30.41 9.83 -20.50
CA ALA A 150 -30.87 10.52 -21.71
C ALA A 150 -29.92 11.66 -22.07
N GLU A 151 -29.40 12.37 -21.07
CA GLU A 151 -28.45 13.43 -21.36
C GLU A 151 -27.20 12.88 -22.02
N LEU A 152 -26.68 11.77 -21.49
CA LEU A 152 -25.51 11.16 -22.12
C LEU A 152 -25.83 10.73 -23.55
N LYS A 153 -26.99 10.10 -23.74
CA LYS A 153 -27.36 9.62 -25.07
C LYS A 153 -27.45 10.77 -26.06
N ARG A 154 -28.11 11.86 -25.67
CA ARG A 154 -28.25 13.00 -26.56
C ARG A 154 -26.90 13.64 -26.85
N GLN A 155 -26.06 13.77 -25.83
CA GLN A 155 -24.79 14.47 -26.02
C GLN A 155 -23.86 13.69 -26.93
N TYR A 156 -23.74 12.38 -26.74
CA TYR A 156 -22.73 11.60 -27.44
C TYR A 156 -23.27 10.70 -28.54
N GLY A 157 -24.49 10.18 -28.39
CA GLY A 157 -25.03 9.31 -29.42
C GLY A 157 -24.43 7.91 -29.35
N PHE A 158 -24.56 7.19 -30.46
CA PHE A 158 -24.12 5.80 -30.55
C PHE A 158 -23.32 5.58 -31.82
N PHE A 159 -22.38 4.63 -31.75
CA PHE A 159 -21.68 4.18 -32.93
C PHE A 159 -22.55 3.20 -33.71
N GLU A 160 -22.19 3.01 -34.98
CA GLU A 160 -22.92 2.07 -35.83
C GLU A 160 -22.60 0.61 -35.50
N CYS A 161 -21.49 0.35 -34.79
CA CYS A 161 -21.12 -1.00 -34.43
C CYS A 161 -20.33 -0.98 -33.13
N SER A 162 -20.30 -2.13 -32.46
CA SER A 162 -19.46 -2.30 -31.27
C SER A 162 -18.06 -2.62 -31.75
N LYS A 163 -17.17 -1.62 -31.67
CA LYS A 163 -15.88 -1.74 -32.33
C LYS A 163 -15.07 -2.91 -31.78
N PHE A 164 -14.64 -2.84 -30.52
CA PHE A 164 -13.84 -3.92 -29.96
C PHE A 164 -14.66 -4.87 -29.10
N LEU A 165 -15.85 -4.47 -28.66
CA LEU A 165 -16.73 -5.41 -27.98
C LEU A 165 -17.12 -6.55 -28.91
N ALA A 166 -17.27 -6.27 -30.20
CA ALA A 166 -17.59 -7.31 -31.17
C ALA A 166 -16.53 -8.39 -31.22
N CYS A 167 -15.29 -8.09 -30.80
CA CYS A 167 -14.25 -9.09 -30.75
C CYS A 167 -14.51 -10.17 -29.71
N GLY A 168 -15.49 -9.96 -28.83
CA GLY A 168 -15.87 -10.99 -27.88
C GLY A 168 -16.68 -12.11 -28.47
N GLU A 169 -17.11 -11.98 -29.72
CA GLU A 169 -17.86 -13.01 -30.42
C GLU A 169 -17.01 -13.61 -31.53
N GLU A 170 -17.02 -14.95 -31.62
CA GLU A 170 -16.19 -15.63 -32.60
C GLU A 170 -16.58 -15.19 -34.01
N CYS A 171 -15.57 -14.93 -34.84
CA CYS A 171 -15.79 -14.71 -36.25
C CYS A 171 -15.77 -16.04 -37.00
N GLY A 172 -16.41 -16.06 -38.17
CA GLY A 172 -16.51 -17.28 -38.94
C GLY A 172 -15.27 -17.60 -39.74
N LEU A 173 -14.10 -17.52 -39.10
CA LEU A 173 -12.82 -17.77 -39.75
C LEU A 173 -12.02 -18.76 -38.93
N ASP A 174 -11.14 -19.49 -39.61
CA ASP A 174 -10.27 -20.45 -38.95
C ASP A 174 -8.92 -19.79 -38.61
N GLN A 175 -8.05 -20.56 -37.96
CA GLN A 175 -6.78 -20.01 -37.50
C GLN A 175 -5.97 -19.44 -38.67
N GLU A 176 -5.85 -20.22 -39.75
CA GLU A 176 -5.07 -19.77 -40.90
C GLU A 176 -5.71 -18.56 -41.55
N ALA A 177 -7.04 -18.58 -41.71
CA ALA A 177 -7.72 -17.43 -42.29
C ALA A 177 -7.56 -16.19 -41.42
N ARG A 178 -7.67 -16.36 -40.10
CA ARG A 178 -7.50 -15.22 -39.20
C ARG A 178 -6.09 -14.64 -39.32
N GLU A 179 -5.08 -15.52 -39.33
CA GLU A 179 -3.70 -15.04 -39.44
C GLU A 179 -3.48 -14.31 -40.75
N LEU A 180 -3.98 -14.88 -41.86
CA LEU A 180 -3.81 -14.23 -43.15
C LEU A 180 -4.50 -12.88 -43.19
N ILE A 181 -5.73 -12.80 -42.65
CA ILE A 181 -6.47 -11.54 -42.67
C ILE A 181 -5.72 -10.50 -41.85
N LEU A 182 -5.25 -10.87 -40.66
CA LEU A 182 -4.54 -9.90 -39.82
C LEU A 182 -3.25 -9.43 -40.49
N ASN A 183 -2.49 -10.35 -41.06
CA ASN A 183 -1.24 -9.97 -41.71
C ASN A 183 -1.49 -9.06 -42.90
N GLU A 184 -2.51 -9.36 -43.70
CA GLU A 184 -2.80 -8.53 -44.86
C GLU A 184 -3.37 -7.18 -44.46
N TYR A 185 -4.12 -7.11 -43.36
CA TYR A 185 -4.56 -5.81 -42.87
C TYR A 185 -3.37 -4.98 -42.41
N ALA A 186 -2.41 -5.62 -41.73
CA ALA A 186 -1.20 -4.89 -41.34
C ALA A 186 -0.45 -4.39 -42.56
N ARG A 187 -0.33 -5.23 -43.59
CA ARG A 187 0.37 -4.83 -44.81
C ARG A 187 -0.35 -3.68 -45.50
N ASP A 188 -1.68 -3.73 -45.55
CA ASP A 188 -2.45 -2.69 -46.23
C ASP A 188 -2.25 -1.34 -45.57
N ARG A 189 -2.22 -1.30 -44.24
CA ARG A 189 -2.07 -0.05 -43.52
C ARG A 189 -0.65 0.52 -43.61
N GLU A 190 0.24 -0.13 -44.36
CA GLU A 190 1.61 0.36 -44.57
C GLU A 190 2.45 0.24 -43.29
N PHE A 191 2.14 -0.74 -42.45
CA PHE A 191 2.96 -0.98 -41.27
C PHE A 191 4.34 -1.48 -41.68
N GLU A 192 5.36 -0.99 -41.00
CA GLU A 192 6.72 -1.44 -41.26
C GLU A 192 6.88 -2.89 -40.80
N PHE A 193 7.64 -3.66 -41.58
CA PHE A 193 7.95 -5.04 -41.25
C PHE A 193 9.43 -5.16 -40.93
N ARG A 194 9.74 -5.72 -39.77
CA ARG A 194 11.14 -5.80 -39.33
C ARG A 194 11.27 -6.94 -38.33
N ASN A 195 12.28 -7.78 -38.54
CA ASN A 195 12.56 -8.90 -37.64
C ASN A 195 11.34 -9.80 -37.49
N GLY A 196 10.59 -9.93 -38.58
CA GLY A 196 9.41 -10.78 -38.57
C GLY A 196 8.21 -10.21 -37.85
N GLY A 197 8.25 -8.93 -37.46
CA GLY A 197 7.17 -8.33 -36.73
C GLY A 197 6.71 -7.03 -37.37
N TRP A 198 5.50 -6.63 -37.00
CA TRP A 198 4.87 -5.43 -37.52
C TRP A 198 5.06 -4.28 -36.54
N ILE A 199 5.32 -3.09 -37.08
CA ILE A 199 5.48 -1.87 -36.30
C ILE A 199 4.70 -0.76 -36.98
N GLN A 200 3.99 0.04 -36.18
CA GLN A 200 3.26 1.20 -36.67
C GLN A 200 4.10 2.44 -36.42
N ARG A 201 4.39 3.19 -37.48
CA ARG A 201 5.24 4.37 -37.40
C ARG A 201 4.38 5.62 -37.47
N TYR A 202 4.66 6.58 -36.57
CA TYR A 202 3.95 7.84 -36.54
C TYR A 202 4.95 8.99 -36.58
N THR A 203 4.54 10.09 -37.18
CA THR A 203 5.37 11.29 -37.27
C THR A 203 4.74 12.49 -36.57
N VAL A 204 3.49 12.81 -36.89
CA VAL A 204 2.81 14.00 -36.38
C VAL A 204 1.53 13.58 -35.69
N ALA A 205 1.21 14.28 -34.60
CA ALA A 205 0.00 14.02 -33.83
C ALA A 205 -0.95 15.20 -33.95
N SER A 206 -2.23 14.90 -34.21
CA SER A 206 -3.24 15.94 -34.30
C SER A 206 -3.44 16.65 -32.96
N HIS A 207 -3.08 16.00 -31.85
CA HIS A 207 -3.15 16.60 -30.52
C HIS A 207 -4.57 17.05 -30.16
N LYS A 208 -5.57 16.28 -30.61
CA LYS A 208 -6.94 16.51 -30.18
C LYS A 208 -7.60 15.18 -29.84
N PRO A 209 -8.54 15.17 -28.90
CA PRO A 209 -9.16 13.90 -28.49
C PRO A 209 -9.89 13.23 -29.66
N ALA A 210 -9.87 11.90 -29.66
CA ALA A 210 -10.61 11.14 -30.65
C ALA A 210 -12.10 11.21 -30.37
N THR A 211 -12.90 11.05 -31.43
CA THR A 211 -14.34 11.12 -31.29
C THR A 211 -14.83 10.09 -30.28
N GLN A 212 -15.78 10.51 -29.44
CA GLN A 212 -16.34 9.66 -28.40
C GLN A 212 -17.82 9.41 -28.69
N LYS A 213 -18.22 8.15 -28.63
CA LYS A 213 -19.63 7.78 -28.71
C LYS A 213 -19.84 6.54 -27.85
N ILE A 214 -21.06 6.00 -27.89
CA ILE A 214 -21.45 4.86 -27.07
C ILE A 214 -21.51 3.64 -27.95
N LEU A 215 -20.85 2.57 -27.54
CA LEU A 215 -20.84 1.32 -28.29
C LEU A 215 -22.10 0.52 -28.02
N PRO A 216 -22.84 0.10 -29.03
CA PRO A 216 -23.96 -0.84 -28.79
C PRO A 216 -23.45 -2.17 -28.29
N LEU A 217 -24.29 -2.84 -27.51
CA LEU A 217 -23.89 -4.11 -26.89
C LEU A 217 -24.07 -5.25 -27.88
N PRO A 218 -23.02 -6.02 -28.19
CA PRO A 218 -23.23 -7.26 -28.95
C PRO A 218 -24.13 -8.22 -28.20
N ALA A 219 -24.56 -9.27 -28.92
CA ALA A 219 -25.51 -10.22 -28.34
C ALA A 219 -24.90 -10.93 -27.13
N SER A 220 -23.63 -11.32 -27.22
CA SER A 220 -22.98 -12.04 -26.13
C SER A 220 -21.48 -11.85 -26.26
N ALA A 221 -20.76 -12.34 -25.25
CA ALA A 221 -19.29 -12.30 -25.22
C ALA A 221 -18.75 -13.65 -24.80
N PRO A 222 -18.97 -14.69 -25.61
CA PRO A 222 -18.41 -16.00 -25.27
C PRO A 222 -16.90 -16.02 -25.17
N LEU A 223 -16.20 -15.27 -26.03
CA LEU A 223 -14.74 -15.23 -26.03
C LEU A 223 -14.21 -14.08 -25.20
N ALA A 224 -14.62 -13.97 -23.94
CA ALA A 224 -14.13 -12.92 -23.05
C ALA A 224 -12.82 -13.32 -22.39
N ARG A 225 -12.79 -14.51 -21.78
CA ARG A 225 -11.56 -14.99 -21.15
C ARG A 225 -10.44 -15.10 -22.17
N GLU A 226 -10.74 -15.65 -23.34
CA GLU A 226 -9.73 -15.78 -24.39
C GLU A 226 -9.24 -14.41 -24.83
N LEU A 227 -10.15 -13.46 -25.00
CA LEU A 227 -9.76 -12.12 -25.42
C LEU A 227 -8.84 -11.46 -24.41
N LEU A 228 -9.18 -11.55 -23.12
CA LEU A 228 -8.34 -10.93 -22.10
C LEU A 228 -6.97 -11.59 -22.03
N MET A 229 -6.94 -12.94 -22.08
CA MET A 229 -5.66 -13.63 -22.05
C MET A 229 -4.80 -13.25 -23.26
N LEU A 230 -5.42 -13.16 -24.44
CA LEU A 230 -4.68 -12.79 -25.63
C LEU A 230 -4.17 -11.37 -25.55
N ILE A 231 -4.97 -10.45 -25.00
CA ILE A 231 -4.50 -9.07 -24.83
C ILE A 231 -3.27 -9.05 -23.92
N ALA A 232 -3.34 -9.77 -22.80
CA ALA A 232 -2.19 -9.83 -21.90
C ALA A 232 -0.96 -10.35 -22.62
N ARG A 233 -1.09 -11.50 -23.29
CA ARG A 233 0.05 -12.11 -23.95
C ARG A 233 0.63 -11.18 -25.01
N SER A 234 -0.24 -10.64 -25.87
CA SER A 234 0.22 -9.83 -26.99
C SER A 234 0.92 -8.57 -26.50
N THR A 235 0.37 -7.91 -25.49
CA THR A 235 1.02 -6.72 -24.97
C THR A 235 2.29 -7.06 -24.20
N THR A 236 2.43 -8.30 -23.73
CA THR A 236 3.71 -8.73 -23.19
C THR A 236 4.72 -8.97 -24.31
N GLN A 237 4.30 -9.61 -25.40
CA GLN A 237 5.15 -9.86 -26.56
C GLN A 237 4.36 -9.47 -27.81
N ALA A 238 4.87 -8.49 -28.54
CA ALA A 238 4.14 -7.88 -29.65
C ALA A 238 4.86 -8.10 -30.97
N GLY A 239 4.17 -7.76 -32.06
CA GLY A 239 4.71 -7.81 -33.40
C GLY A 239 4.15 -8.93 -34.25
N LYS A 240 3.69 -10.02 -33.64
CA LYS A 240 3.23 -11.20 -34.36
C LYS A 240 1.82 -11.56 -33.91
N VAL A 241 1.07 -12.16 -34.83
CA VAL A 241 -0.30 -12.57 -34.54
C VAL A 241 -0.28 -13.69 -33.51
N LEU A 242 -1.03 -13.52 -32.43
CA LEU A 242 -1.18 -14.52 -31.39
C LEU A 242 -2.55 -15.15 -31.48
N HIS A 243 -2.59 -16.47 -31.34
CA HIS A 243 -3.79 -17.27 -31.56
C HIS A 243 -4.30 -17.84 -30.25
N SER A 244 -5.62 -17.97 -30.16
CA SER A 244 -6.29 -18.69 -29.10
C SER A 244 -7.05 -19.86 -29.72
N ASP A 245 -7.85 -20.55 -28.92
CA ASP A 245 -8.61 -21.68 -29.43
C ASP A 245 -9.61 -21.23 -30.48
N ASN A 246 -10.25 -20.08 -30.29
CA ASN A 246 -11.32 -19.62 -31.17
C ASN A 246 -11.11 -18.22 -31.73
N THR A 247 -10.00 -17.55 -31.40
CA THR A 247 -9.77 -16.20 -31.89
C THR A 247 -8.28 -15.89 -31.85
N SER A 248 -7.92 -14.78 -32.48
CA SER A 248 -6.54 -14.32 -32.56
C SER A 248 -6.52 -12.81 -32.63
N ILE A 249 -5.41 -12.22 -32.15
CA ILE A 249 -5.22 -10.77 -32.19
C ILE A 249 -3.77 -10.46 -32.50
N LEU A 250 -3.55 -9.23 -32.95
CA LEU A 250 -2.21 -8.75 -33.31
C LEU A 250 -1.90 -7.49 -32.53
N ALA A 251 -0.81 -7.51 -31.77
CA ALA A 251 -0.36 -6.34 -31.04
C ALA A 251 0.82 -5.72 -31.79
N VAL A 252 0.66 -4.48 -32.22
CA VAL A 252 1.65 -3.78 -33.03
C VAL A 252 2.25 -2.66 -32.18
N PRO A 253 3.55 -2.69 -31.90
CA PRO A 253 4.16 -1.53 -31.23
C PRO A 253 4.02 -0.28 -32.08
N VAL A 254 3.81 0.86 -31.41
CA VAL A 254 3.68 2.15 -32.06
C VAL A 254 4.95 2.95 -31.74
N MET A 255 5.68 3.32 -32.78
CA MET A 255 6.98 3.95 -32.63
C MET A 255 7.06 5.21 -33.49
N ARG A 256 7.95 6.12 -33.09
CA ARG A 256 8.19 7.32 -33.86
C ARG A 256 9.09 7.03 -35.04
N ASP A 257 8.83 7.71 -36.16
CA ASP A 257 9.65 7.59 -37.37
C ASP A 257 10.64 8.75 -37.39
N SER A 258 11.92 8.43 -37.21
CA SER A 258 12.98 9.43 -37.14
C SER A 258 14.01 9.27 -38.24
N GLY A 259 13.70 8.52 -39.30
CA GLY A 259 14.62 8.35 -40.40
C GLY A 259 15.39 7.05 -40.35
N LYS A 260 16.72 7.13 -40.24
CA LYS A 260 17.57 5.96 -40.24
C LYS A 260 17.77 5.40 -38.83
N HIS A 261 18.05 6.27 -37.86
CA HIS A 261 18.27 5.86 -36.49
C HIS A 261 16.97 5.69 -35.70
N SER A 262 15.85 5.52 -36.39
CA SER A 262 14.57 5.37 -35.72
C SER A 262 14.58 4.17 -34.78
N LYS A 263 13.72 4.21 -33.78
CA LYS A 263 13.65 3.14 -32.79
C LYS A 263 13.36 1.81 -33.47
N ARG A 264 14.03 0.76 -32.99
CA ARG A 264 13.88 -0.58 -33.53
C ARG A 264 13.19 -1.56 -32.60
N ARG A 265 13.37 -1.41 -31.28
CA ARG A 265 12.76 -2.30 -30.32
C ARG A 265 11.91 -1.52 -29.32
N PRO A 266 10.76 -2.04 -28.93
CA PRO A 266 9.91 -1.32 -27.97
C PRO A 266 10.53 -1.27 -26.58
N THR A 267 10.23 -0.20 -25.87
CA THR A 267 10.61 -0.03 -24.48
C THR A 267 9.39 -0.14 -23.58
N ALA A 268 9.61 0.04 -22.28
CA ALA A 268 8.52 -0.11 -21.31
C ALA A 268 7.46 0.98 -21.43
N SER A 269 7.73 2.07 -22.14
CA SER A 269 6.77 3.16 -22.30
C SER A 269 6.15 3.20 -23.68
N THR A 270 6.33 2.17 -24.50
CA THR A 270 5.82 2.16 -25.86
C THR A 270 4.39 1.65 -25.86
N HIS A 271 3.50 2.41 -26.50
CA HIS A 271 2.10 2.01 -26.62
C HIS A 271 1.96 0.91 -27.66
N HIS A 272 0.78 0.29 -27.70
CA HIS A 272 0.48 -0.79 -28.61
C HIS A 272 -0.88 -0.57 -29.26
N LEU A 273 -0.99 -1.00 -30.51
CA LEU A 273 -2.26 -1.06 -31.21
C LEU A 273 -2.69 -2.52 -31.27
N VAL A 274 -3.80 -2.84 -30.62
CA VAL A 274 -4.32 -4.21 -30.58
C VAL A 274 -5.39 -4.32 -31.65
N VAL A 275 -5.18 -5.23 -32.59
CA VAL A 275 -6.06 -5.44 -33.74
C VAL A 275 -6.75 -6.78 -33.56
N GLY A 276 -8.09 -6.75 -33.65
CA GLY A 276 -8.87 -7.96 -33.49
C GLY A 276 -9.88 -8.10 -34.60
N LEU A 277 -10.40 -9.32 -34.73
CA LEU A 277 -11.32 -9.69 -35.79
C LEU A 277 -12.71 -9.95 -35.22
N SER A 278 -13.72 -9.60 -36.02
CA SER A 278 -15.10 -9.85 -35.66
C SER A 278 -15.90 -10.09 -36.93
N LYS A 279 -17.17 -10.42 -36.75
CA LYS A 279 -18.02 -10.76 -37.89
C LYS A 279 -18.14 -9.55 -38.82
N PRO A 280 -18.19 -9.76 -40.14
CA PRO A 280 -18.33 -8.63 -41.06
C PRO A 280 -19.68 -7.95 -40.90
N GLY A 281 -19.82 -6.80 -41.56
CA GLY A 281 -21.08 -6.08 -41.57
C GLY A 281 -21.00 -4.69 -40.96
N CYS A 282 -19.84 -4.05 -41.04
CA CYS A 282 -19.65 -2.71 -40.53
C CYS A 282 -18.68 -1.97 -41.43
N GLU A 283 -18.45 -0.69 -41.13
CA GLU A 283 -17.57 0.14 -41.94
C GLU A 283 -16.11 -0.29 -41.84
N HIS A 284 -15.76 -1.16 -40.89
CA HIS A 284 -14.40 -1.63 -40.71
C HIS A 284 -14.15 -2.98 -41.37
N ASP A 285 -14.93 -3.31 -42.41
CA ASP A 285 -14.78 -4.58 -43.08
C ASP A 285 -13.45 -4.63 -43.84
N PHE A 286 -12.96 -5.85 -44.04
CA PHE A 286 -11.72 -6.08 -44.77
C PHE A 286 -11.81 -7.44 -45.44
N GLU A 287 -11.41 -7.50 -46.71
CA GLU A 287 -11.52 -8.70 -47.53
C GLU A 287 -10.16 -9.07 -48.10
N PHE A 288 -9.90 -10.37 -48.21
CA PHE A 288 -8.68 -10.87 -48.83
C PHE A 288 -8.87 -12.33 -49.18
N ASP A 289 -8.70 -12.67 -50.46
CA ASP A 289 -8.80 -14.05 -50.93
C ASP A 289 -10.13 -14.69 -50.53
N GLY A 290 -11.20 -13.91 -50.60
CA GLY A 290 -12.52 -14.40 -50.27
C GLY A 290 -12.82 -14.47 -48.80
N TYR A 291 -11.87 -14.10 -47.94
CA TYR A 291 -12.09 -14.06 -46.49
C TYR A 291 -12.46 -12.64 -46.09
N ARG A 292 -13.61 -12.51 -45.42
CA ARG A 292 -14.13 -11.22 -45.01
C ARG A 292 -14.22 -11.18 -43.48
N ALA A 293 -13.77 -10.07 -42.89
CA ALA A 293 -13.88 -9.91 -41.45
C ALA A 293 -13.78 -8.44 -41.10
N ALA A 294 -14.40 -8.06 -39.99
CA ALA A 294 -14.31 -6.69 -39.50
C ALA A 294 -13.09 -6.56 -38.59
N VAL A 295 -12.21 -5.62 -38.91
CA VAL A 295 -10.97 -5.43 -38.19
C VAL A 295 -11.12 -4.20 -37.31
N HIS A 296 -10.92 -4.38 -36.01
CA HIS A 296 -11.10 -3.30 -35.04
C HIS A 296 -9.84 -3.12 -34.20
N VAL A 297 -9.51 -1.87 -33.93
CA VAL A 297 -8.24 -1.51 -33.32
C VAL A 297 -8.47 -0.74 -32.03
N MET A 298 -7.63 -1.03 -31.03
CA MET A 298 -7.65 -0.33 -29.75
C MET A 298 -6.23 0.09 -29.41
N HIS A 299 -6.04 1.36 -29.08
CA HIS A 299 -4.73 1.91 -28.76
C HIS A 299 -4.57 1.95 -27.24
N LEU A 300 -3.64 1.17 -26.71
CA LEU A 300 -3.46 1.03 -25.27
C LEU A 300 -2.02 1.32 -24.88
N ASP A 301 -1.85 2.04 -23.79
CA ASP A 301 -0.55 2.18 -23.16
C ASP A 301 -0.24 0.92 -22.34
N PRO A 302 1.05 0.66 -22.06
CA PRO A 302 1.39 -0.62 -21.41
C PRO A 302 0.66 -0.85 -20.10
N LYS A 303 0.49 0.18 -19.28
CA LYS A 303 -0.26 0.02 -18.03
C LYS A 303 -1.71 -0.33 -18.29
N GLN A 304 -2.33 0.31 -19.29
CA GLN A 304 -3.71 0.01 -19.62
C GLN A 304 -3.87 -1.45 -20.03
N SER A 305 -2.96 -1.92 -20.89
CA SER A 305 -3.04 -3.31 -21.35
C SER A 305 -2.80 -4.28 -20.20
N ALA A 306 -1.84 -3.98 -19.33
CA ALA A 306 -1.60 -4.85 -18.19
C ALA A 306 -2.82 -4.91 -17.28
N ASN A 307 -3.47 -3.77 -17.05
CA ASN A 307 -4.68 -3.76 -16.24
C ASN A 307 -5.79 -4.57 -16.89
N ILE A 308 -5.98 -4.41 -18.21
CA ILE A 308 -7.06 -5.11 -18.89
C ILE A 308 -6.82 -6.62 -18.87
N GLY A 309 -5.59 -7.05 -19.14
CA GLY A 309 -5.32 -8.47 -19.32
C GLY A 309 -5.26 -9.28 -18.05
N GLU A 310 -5.08 -8.65 -16.90
CA GLU A 310 -4.94 -9.36 -15.64
C GLU A 310 -6.27 -9.60 -14.93
N GLN A 311 -7.37 -9.09 -15.47
CA GLN A 311 -8.67 -9.32 -14.85
C GLN A 311 -9.13 -10.76 -15.05
N ASP A 312 -9.85 -11.27 -14.06
CA ASP A 312 -10.39 -12.62 -14.10
C ASP A 312 -11.89 -12.53 -14.40
N PHE A 313 -12.27 -12.88 -15.62
CA PHE A 313 -13.67 -12.78 -16.02
C PHE A 313 -14.53 -13.84 -15.34
N VAL A 314 -14.06 -15.09 -15.36
CA VAL A 314 -14.88 -16.19 -14.86
C VAL A 314 -15.10 -16.07 -13.36
N SER A 315 -14.01 -15.83 -12.61
CA SER A 315 -14.14 -15.73 -11.16
C SER A 315 -15.00 -14.54 -10.77
N THR A 316 -14.83 -13.40 -11.45
CA THR A 316 -15.64 -12.23 -11.16
C THR A 316 -17.12 -12.52 -11.41
N ARG A 317 -17.41 -13.17 -12.55
CA ARG A 317 -18.80 -13.48 -12.86
C ARG A 317 -19.40 -14.41 -11.82
N GLU A 318 -18.65 -15.43 -11.40
CA GLU A 318 -19.18 -16.37 -10.40
C GLU A 318 -19.40 -15.68 -9.06
N ILE A 319 -18.45 -14.84 -8.64
CA ILE A 319 -18.59 -14.15 -7.36
C ILE A 319 -19.81 -13.23 -7.39
N TYR A 320 -19.99 -12.51 -8.49
CA TYR A 320 -21.20 -11.68 -8.62
C TYR A 320 -22.46 -12.54 -8.59
N LYS A 321 -22.44 -13.69 -9.26
CA LYS A 321 -23.60 -14.56 -9.34
C LYS A 321 -23.91 -15.26 -8.03
N LEU A 322 -22.98 -15.24 -7.06
CA LEU A 322 -23.24 -15.90 -5.78
C LEU A 322 -24.55 -15.42 -5.17
N ASP A 323 -24.74 -14.10 -5.10
CA ASP A 323 -25.87 -13.50 -4.38
C ASP A 323 -26.50 -12.40 -5.24
N MET A 324 -26.77 -12.73 -6.50
CA MET A 324 -27.34 -11.79 -7.45
C MET A 324 -28.84 -12.03 -7.61
N LEU A 325 -29.56 -10.96 -7.89
CA LEU A 325 -30.97 -11.06 -8.25
C LEU A 325 -31.11 -11.42 -9.72
N GLU A 326 -32.33 -11.66 -10.15
CA GLU A 326 -32.59 -12.02 -11.55
C GLU A 326 -32.23 -10.86 -12.46
N LEU A 327 -31.47 -11.17 -13.51
CA LEU A 327 -31.03 -10.17 -14.47
C LEU A 327 -32.05 -10.05 -15.59
N PRO A 328 -32.62 -8.87 -15.84
CA PRO A 328 -33.62 -8.76 -16.90
C PRO A 328 -32.98 -8.73 -18.27
N PRO A 329 -33.70 -9.11 -19.33
CA PRO A 329 -33.16 -8.95 -20.68
C PRO A 329 -33.03 -7.48 -21.05
N ILE A 330 -32.03 -7.18 -21.87
CA ILE A 330 -31.76 -5.82 -22.31
C ILE A 330 -31.51 -5.81 -23.82
N SER A 331 -31.65 -4.64 -24.41
CA SER A 331 -31.49 -4.45 -25.84
C SER A 331 -30.08 -3.96 -26.16
N ARG A 332 -29.85 -3.61 -27.42
CA ARG A 332 -28.53 -3.15 -27.84
C ARG A 332 -28.13 -1.87 -27.12
N LYS A 333 -29.10 -1.02 -26.78
CA LYS A 333 -28.84 0.27 -26.14
C LYS A 333 -28.95 0.18 -24.62
N GLY A 334 -29.10 -1.01 -24.05
CA GLY A 334 -29.20 -1.16 -22.62
C GLY A 334 -30.57 -0.92 -22.05
N ASP A 335 -31.59 -0.72 -22.89
CA ASP A 335 -32.94 -0.50 -22.43
C ASP A 335 -33.63 -1.84 -22.14
N LEU A 336 -34.51 -1.84 -21.15
CA LEU A 336 -35.26 -3.04 -20.82
C LEU A 336 -36.07 -3.49 -22.03
N ASP A 337 -35.98 -4.79 -22.34
CA ASP A 337 -36.69 -5.34 -23.50
C ASP A 337 -37.05 -6.78 -23.16
N ARG A 338 -38.27 -6.99 -22.67
CA ARG A 338 -38.71 -8.33 -22.30
C ARG A 338 -39.14 -9.16 -23.50
N ALA A 339 -39.27 -8.56 -24.68
CA ALA A 339 -39.69 -9.27 -25.88
C ALA A 339 -38.50 -9.78 -26.69
N SER A 340 -37.63 -8.88 -27.14
CA SER A 340 -36.48 -9.22 -27.97
C SER A 340 -35.15 -9.01 -27.25
N GLY A 341 -35.18 -8.82 -25.93
CA GLY A 341 -33.95 -8.65 -25.20
C GLY A 341 -33.24 -9.96 -24.93
N LEU A 342 -31.97 -9.85 -24.57
CA LEU A 342 -31.12 -11.01 -24.27
C LEU A 342 -30.47 -10.80 -22.92
N GLU A 343 -30.44 -11.87 -22.11
CA GLU A 343 -29.78 -11.80 -20.81
C GLU A 343 -28.28 -11.99 -20.91
N THR A 344 -27.76 -12.47 -22.05
CA THR A 344 -26.33 -12.64 -22.20
C THR A 344 -25.61 -11.30 -22.35
N ARG A 345 -26.32 -10.25 -22.76
CA ARG A 345 -25.68 -8.96 -22.92
C ARG A 345 -25.04 -8.48 -21.63
N TRP A 346 -25.55 -8.94 -20.48
CA TRP A 346 -24.94 -8.57 -19.21
C TRP A 346 -23.48 -9.00 -19.17
N ASP A 347 -23.19 -10.22 -19.63
CA ASP A 347 -21.80 -10.65 -19.75
C ASP A 347 -20.99 -9.64 -20.55
N VAL A 348 -21.55 -9.18 -21.67
CA VAL A 348 -20.87 -8.17 -22.48
C VAL A 348 -20.56 -6.96 -21.62
N ILE A 349 -21.54 -6.50 -20.83
CA ILE A 349 -21.31 -5.35 -19.96
C ILE A 349 -20.12 -5.63 -19.06
N LEU A 350 -20.08 -6.82 -18.46
CA LEU A 350 -18.94 -7.17 -17.61
C LEU A 350 -17.65 -7.08 -18.41
N LEU A 351 -17.64 -7.64 -19.62
CA LEU A 351 -16.46 -7.53 -20.46
C LEU A 351 -16.07 -6.08 -20.67
N LEU A 352 -17.07 -5.21 -20.89
CA LEU A 352 -16.77 -3.79 -21.03
C LEU A 352 -16.08 -3.26 -19.77
N GLU A 353 -16.60 -3.64 -18.60
CA GLU A 353 -15.95 -3.21 -17.35
C GLU A 353 -14.50 -3.70 -17.30
N CYS A 354 -14.22 -4.85 -17.89
CA CYS A 354 -12.85 -5.33 -17.95
C CYS A 354 -12.01 -4.58 -18.96
N LEU A 355 -12.61 -4.12 -20.06
CA LEU A 355 -11.86 -3.43 -21.10
C LEU A 355 -11.64 -1.96 -20.78
N ASP A 356 -12.36 -1.40 -19.82
CA ASP A 356 -12.23 0.00 -19.44
C ASP A 356 -11.19 0.11 -18.34
N SER A 357 -10.05 0.72 -18.64
CA SER A 357 -8.98 0.88 -17.65
C SER A 357 -9.26 1.98 -16.65
N THR A 358 -10.17 2.90 -16.94
CA THR A 358 -10.53 3.94 -15.98
C THR A 358 -11.49 3.44 -14.91
N ARG A 359 -12.16 2.31 -15.15
CA ARG A 359 -12.99 1.66 -14.14
C ARG A 359 -13.97 2.64 -13.50
N VAL A 360 -14.61 3.45 -14.34
CA VAL A 360 -15.64 4.37 -13.85
C VAL A 360 -16.83 3.61 -13.30
N SER A 361 -17.05 2.38 -13.77
CA SER A 361 -18.12 1.55 -13.22
C SER A 361 -17.96 1.38 -11.72
N GLN A 362 -16.72 1.37 -11.22
CA GLN A 362 -16.51 1.25 -9.77
C GLN A 362 -17.00 2.50 -9.03
N ALA A 363 -16.73 3.68 -9.60
CA ALA A 363 -17.26 4.91 -9.00
C ALA A 363 -18.78 4.90 -9.00
N VAL A 364 -19.40 4.48 -10.12
CA VAL A 364 -20.85 4.41 -10.18
C VAL A 364 -21.37 3.42 -9.14
N ALA A 365 -20.68 2.29 -8.97
CA ALA A 365 -21.12 1.28 -8.02
C ALA A 365 -21.03 1.80 -6.59
N GLN A 366 -19.96 2.53 -6.27
CA GLN A 366 -19.86 3.10 -4.93
C GLN A 366 -20.96 4.11 -4.67
N HIS A 367 -21.22 4.98 -5.64
CA HIS A 367 -22.29 5.96 -5.46
C HIS A 367 -23.65 5.27 -5.35
N PHE A 368 -23.85 4.18 -6.08
CA PHE A 368 -25.11 3.45 -6.00
C PHE A 368 -25.26 2.76 -4.66
N ASN A 369 -24.15 2.26 -4.09
CA ASN A 369 -24.20 1.72 -2.73
C ASN A 369 -24.61 2.79 -1.74
N ARG A 370 -24.03 3.99 -1.86
CA ARG A 370 -24.45 5.09 -1.01
C ARG A 370 -25.93 5.40 -1.20
N HIS A 371 -26.38 5.40 -2.45
CA HIS A 371 -27.80 5.64 -2.75
C HIS A 371 -28.68 4.62 -2.05
N ARG A 372 -28.32 3.34 -2.12
CA ARG A 372 -29.15 2.29 -1.55
C ARG A 372 -29.17 2.34 -0.03
N LEU A 373 -28.04 2.67 0.59
CA LEU A 373 -27.96 2.71 2.04
C LEU A 373 -28.48 4.01 2.64
N ALA A 374 -28.76 5.02 1.83
CA ALA A 374 -29.07 6.36 2.32
C ALA A 374 -30.56 6.54 2.56
N LEU A 375 -30.88 7.29 3.61
CA LEU A 375 -32.24 7.74 3.89
C LEU A 375 -32.48 9.16 3.42
N SER A 376 -31.49 10.03 3.57
CA SER A 376 -31.58 11.41 3.10
C SER A 376 -30.20 11.86 2.67
N VAL A 377 -30.15 12.66 1.60
CA VAL A 377 -28.89 13.12 1.03
C VAL A 377 -28.99 14.63 0.82
N CYS A 378 -27.84 15.24 0.53
CA CYS A 378 -27.80 16.67 0.29
C CYS A 378 -28.53 17.02 -1.01
N LYS A 379 -29.19 18.17 -1.01
CA LYS A 379 -30.01 18.58 -2.14
C LYS A 379 -29.13 19.05 -3.29
N ASP A 380 -29.43 18.56 -4.49
CA ASP A 380 -28.77 18.99 -5.73
C ASP A 380 -27.27 18.71 -5.71
N GLU A 381 -26.81 17.87 -4.80
CA GLU A 381 -25.39 17.53 -4.71
C GLU A 381 -25.13 16.03 -4.80
N PHE A 382 -26.00 15.22 -4.19
CA PHE A 382 -25.86 13.78 -4.34
C PHE A 382 -26.11 13.34 -5.78
N ARG A 383 -27.02 14.02 -6.47
CA ARG A 383 -27.27 13.69 -7.88
C ARG A 383 -26.02 13.90 -8.72
N LYS A 384 -25.28 14.98 -8.46
CA LYS A 384 -24.11 15.29 -9.26
C LYS A 384 -23.06 14.19 -9.17
N GLY A 385 -23.12 13.34 -8.15
CA GLY A 385 -22.19 12.23 -8.05
C GLY A 385 -22.34 11.21 -9.16
N TYR A 386 -23.46 11.23 -9.87
CA TYR A 386 -23.68 10.33 -11.00
C TYR A 386 -23.21 10.90 -12.33
N GLN A 387 -22.76 12.15 -12.35
CA GLN A 387 -22.31 12.80 -13.58
C GLN A 387 -20.78 12.74 -13.60
N LEU A 388 -20.24 11.65 -14.16
CA LEU A 388 -18.81 11.41 -14.20
C LEU A 388 -18.24 11.55 -15.61
N ALA A 389 -19.01 12.14 -16.53
CA ALA A 389 -18.52 12.28 -17.90
C ALA A 389 -17.26 13.13 -17.96
N SER A 390 -17.22 14.22 -17.19
CA SER A 390 -16.04 15.08 -17.18
C SER A 390 -14.82 14.39 -16.62
N GLU A 391 -15.00 13.33 -15.82
CA GLU A 391 -13.87 12.64 -15.22
C GLU A 391 -13.15 11.74 -16.21
N ILE A 392 -13.87 11.21 -17.20
CA ILE A 392 -13.32 10.21 -18.11
C ILE A 392 -13.17 10.79 -19.51
N ARG A 393 -12.55 10.02 -20.40
CA ARG A 393 -12.32 10.47 -21.77
C ARG A 393 -12.06 9.26 -22.66
N GLY A 394 -12.85 9.07 -23.70
CA GLY A 394 -12.68 7.96 -24.60
C GLY A 394 -13.97 7.19 -24.85
N THR A 395 -13.98 6.37 -25.90
CA THR A 395 -15.17 5.62 -26.25
C THR A 395 -15.48 4.56 -25.21
N ILE A 396 -14.48 3.76 -24.84
CA ILE A 396 -14.68 2.63 -23.94
C ILE A 396 -15.10 3.13 -22.56
N PRO A 397 -14.39 4.08 -21.95
CA PRO A 397 -14.86 4.61 -20.66
C PRO A 397 -16.25 5.21 -20.73
N LEU A 398 -16.56 5.93 -21.79
CA LEU A 398 -17.88 6.53 -21.92
C LEU A 398 -18.97 5.47 -21.99
N SER A 399 -18.73 4.41 -22.78
CA SER A 399 -19.70 3.33 -22.87
C SER A 399 -19.84 2.62 -21.52
N SER A 400 -18.73 2.41 -20.82
CA SER A 400 -18.81 1.76 -19.51
C SER A 400 -19.64 2.59 -18.53
N LEU A 401 -19.43 3.91 -18.52
CA LEU A 401 -20.22 4.77 -17.66
C LEU A 401 -21.70 4.73 -18.03
N TYR A 402 -21.98 4.81 -19.34
CA TYR A 402 -23.36 4.80 -19.80
C TYR A 402 -24.07 3.51 -19.38
N TYR A 403 -23.40 2.38 -19.55
CA TYR A 403 -24.04 1.11 -19.23
C TYR A 403 -24.09 0.85 -17.73
N SER A 404 -23.17 1.42 -16.95
CA SER A 404 -23.33 1.39 -15.51
C SER A 404 -24.57 2.15 -15.07
N LEU A 405 -24.77 3.34 -15.65
CA LEU A 405 -25.99 4.09 -15.34
C LEU A 405 -27.23 3.33 -15.80
N CYS A 406 -27.15 2.68 -16.95
CA CYS A 406 -28.27 1.87 -17.43
C CYS A 406 -28.56 0.72 -16.47
N ALA A 407 -27.51 0.09 -15.94
CA ALA A 407 -27.72 -0.98 -14.97
C ALA A 407 -28.38 -0.46 -13.71
N VAL A 408 -27.97 0.73 -13.24
CA VAL A 408 -28.62 1.33 -12.08
C VAL A 408 -30.10 1.58 -12.37
N ARG A 409 -30.39 2.12 -13.56
CA ARG A 409 -31.77 2.38 -13.95
C ARG A 409 -32.58 1.09 -13.97
N LEU A 410 -32.01 0.04 -14.56
CA LEU A 410 -32.72 -1.24 -14.65
C LEU A 410 -32.97 -1.83 -13.27
N ARG A 411 -31.99 -1.71 -12.37
CA ARG A 411 -32.21 -2.19 -11.01
C ARG A 411 -33.33 -1.43 -10.33
N MET A 412 -33.34 -0.11 -10.49
CA MET A 412 -34.41 0.69 -9.89
C MET A 412 -35.76 0.40 -10.51
N THR A 413 -35.80 -0.03 -11.77
CA THR A 413 -37.07 -0.29 -12.45
C THR A 413 -37.61 -1.68 -12.18
N VAL A 414 -36.74 -2.69 -12.07
CA VAL A 414 -37.17 -4.08 -12.01
C VAL A 414 -37.24 -4.55 -10.57
N HIS A 415 -36.30 -4.10 -9.74
CA HIS A 415 -36.21 -4.50 -8.33
C HIS A 415 -36.11 -3.26 -7.46
N PRO A 416 -37.16 -2.44 -7.43
CA PRO A 416 -37.09 -1.20 -6.64
C PRO A 416 -36.89 -1.48 -5.16
N PHE A 417 -36.16 -0.59 -4.51
CA PHE A 417 -35.87 -0.73 -3.09
C PHE A 417 -36.44 0.45 -2.31
N MET B 1 -23.61 -5.81 -12.89
CA MET B 1 -23.95 -6.98 -12.03
C MET B 1 -23.94 -6.58 -10.57
N TRP B 2 -23.05 -5.63 -10.22
CA TRP B 2 -23.04 -5.09 -8.86
C TRP B 2 -24.34 -4.40 -8.51
N ALA B 3 -25.10 -3.94 -9.51
CA ALA B 3 -26.36 -3.25 -9.25
C ALA B 3 -27.48 -4.20 -8.86
N PHE B 4 -27.34 -5.49 -9.15
CA PHE B 4 -28.38 -6.48 -8.90
C PHE B 4 -27.99 -7.43 -7.77
N GLN B 5 -27.32 -6.90 -6.74
CA GLN B 5 -26.94 -7.67 -5.58
C GLN B 5 -28.00 -7.49 -4.49
N GLU B 6 -28.38 -8.60 -3.86
CA GLU B 6 -29.37 -8.51 -2.78
C GLU B 6 -28.85 -7.68 -1.63
N GLY B 7 -27.59 -7.86 -1.27
CA GLY B 7 -26.96 -7.14 -0.19
C GLY B 7 -26.18 -5.93 -0.67
N VAL B 8 -25.17 -5.56 0.11
CA VAL B 8 -24.32 -4.41 -0.20
C VAL B 8 -23.15 -4.88 -1.06
N CYS B 9 -22.69 -4.00 -1.94
CA CYS B 9 -21.57 -4.33 -2.82
C CYS B 9 -20.96 -3.03 -3.33
N LYS B 10 -19.64 -2.91 -3.19
CA LYS B 10 -18.91 -1.72 -3.64
C LYS B 10 -18.34 -1.89 -5.04
N GLY B 11 -18.53 -3.05 -5.68
CA GLY B 11 -17.97 -3.29 -6.99
C GLY B 11 -16.46 -3.30 -6.98
N ASN B 12 -15.87 -4.00 -6.00
CA ASN B 12 -14.42 -4.06 -5.83
C ASN B 12 -13.80 -5.29 -6.49
N LEU B 13 -14.59 -6.07 -7.24
CA LEU B 13 -14.09 -7.34 -7.76
C LEU B 13 -13.01 -7.14 -8.82
N LEU B 14 -12.95 -5.97 -9.44
CA LEU B 14 -11.93 -5.66 -10.44
C LEU B 14 -10.86 -4.77 -9.86
N SER B 15 -9.74 -4.68 -10.57
CA SER B 15 -8.64 -3.83 -10.15
C SER B 15 -9.01 -2.36 -10.33
N GLY B 16 -8.25 -1.50 -9.66
CA GLY B 16 -8.48 -0.07 -9.74
C GLY B 16 -7.98 0.50 -11.04
N PRO B 17 -8.34 1.77 -11.27
CA PRO B 17 -7.93 2.42 -12.52
C PRO B 17 -6.43 2.63 -12.60
N THR B 18 -5.92 2.66 -13.84
CA THR B 18 -4.51 2.93 -14.07
C THR B 18 -4.34 3.54 -15.45
N SER B 19 -3.20 4.20 -15.65
CA SER B 19 -2.86 4.84 -16.91
C SER B 19 -1.45 5.40 -16.78
N MET B 20 -0.87 5.78 -17.91
CA MET B 20 0.46 6.38 -17.96
C MET B 20 0.39 7.90 -18.05
N LYS B 21 -0.71 8.50 -17.59
CA LYS B 21 -0.84 9.95 -17.65
C LYS B 21 0.19 10.60 -16.72
N ALA B 22 0.73 11.74 -17.16
CA ALA B 22 1.66 12.47 -16.34
C ALA B 22 0.93 13.10 -15.15
N PRO B 23 1.62 13.31 -14.03
CA PRO B 23 0.98 13.87 -12.84
C PRO B 23 0.86 15.39 -12.83
N ASP B 24 1.17 16.07 -13.94
CA ASP B 24 1.15 17.52 -13.96
C ASP B 24 -0.26 18.05 -13.69
N SER B 25 -1.26 17.49 -14.38
CA SER B 25 -2.62 18.04 -14.29
C SER B 25 -3.18 17.90 -12.89
N ALA B 26 -3.03 16.72 -12.28
CA ALA B 26 -3.60 16.49 -10.95
C ALA B 26 -2.93 17.38 -9.91
N ALA B 27 -1.60 17.49 -9.97
CA ALA B 27 -0.90 18.33 -9.02
C ALA B 27 -1.29 19.80 -9.19
N ARG B 28 -1.38 20.26 -10.43
CA ARG B 28 -1.78 21.64 -10.68
C ARG B 28 -3.18 21.90 -10.16
N GLU B 29 -4.10 20.96 -10.38
CA GLU B 29 -5.47 21.12 -9.88
C GLU B 29 -5.49 21.17 -8.36
N SER B 30 -4.73 20.30 -7.70
CA SER B 30 -4.69 20.31 -6.25
C SER B 30 -4.13 21.63 -5.72
N ILE B 31 -3.07 22.15 -6.35
CA ILE B 31 -2.50 23.41 -5.91
C ILE B 31 -3.49 24.55 -6.12
N ASP B 32 -4.19 24.55 -7.25
CA ASP B 32 -5.19 25.59 -7.50
C ASP B 32 -6.32 25.53 -6.46
N ARG B 33 -6.78 24.32 -6.12
CA ARG B 33 -7.81 24.18 -5.11
C ARG B 33 -7.30 24.70 -3.76
N ALA B 34 -6.06 24.38 -3.41
CA ALA B 34 -5.50 24.85 -2.15
C ALA B 34 -5.44 26.38 -2.13
N SER B 35 -5.03 26.99 -3.24
CA SER B 35 -4.98 28.45 -3.30
C SER B 35 -6.38 29.05 -3.18
N GLU B 36 -7.36 28.46 -3.86
CA GLU B 36 -8.72 28.98 -3.78
C GLU B 36 -9.25 28.90 -2.36
N ILE B 37 -9.00 27.79 -1.68
CA ILE B 37 -9.40 27.67 -0.28
C ILE B 37 -8.66 28.69 0.57
N MET B 38 -7.40 28.97 0.23
CA MET B 38 -6.65 29.99 0.96
C MET B 38 -7.30 31.36 0.84
N THR B 39 -7.80 31.69 -0.35
CA THR B 39 -8.50 32.97 -0.51
C THR B 39 -9.79 33.02 0.29
N GLY B 40 -10.28 31.89 0.77
CA GLY B 40 -11.46 31.87 1.63
C GLY B 40 -12.77 32.06 0.87
N LYS B 41 -12.81 31.59 -0.38
CA LYS B 41 -14.01 31.71 -1.20
C LYS B 41 -14.68 30.38 -1.49
N SER B 42 -14.04 29.25 -1.23
CA SER B 42 -14.58 27.94 -1.56
C SER B 42 -14.90 27.11 -0.33
N TYR B 43 -13.93 26.88 0.55
CA TYR B 43 -14.15 26.12 1.77
C TYR B 43 -13.47 26.84 2.93
N ASN B 44 -13.48 26.23 4.09
CA ASN B 44 -12.93 26.81 5.31
C ASN B 44 -11.62 26.11 5.67
N ALA B 45 -10.59 26.91 5.93
CA ALA B 45 -9.29 26.40 6.37
C ALA B 45 -8.85 27.01 7.69
N VAL B 46 -9.70 27.81 8.33
CA VAL B 46 -9.37 28.48 9.58
C VAL B 46 -9.98 27.68 10.73
N HIS B 47 -9.12 27.22 11.64
CA HIS B 47 -9.56 26.42 12.78
C HIS B 47 -10.06 27.35 13.89
N THR B 48 -11.19 26.99 14.48
CA THR B 48 -11.81 27.78 15.53
C THR B 48 -12.06 27.02 16.82
N GLY B 49 -12.09 25.69 16.78
CA GLY B 49 -12.38 24.90 17.96
C GLY B 49 -11.29 25.00 19.00
N ASP B 50 -11.62 24.54 20.21
CA ASP B 50 -10.71 24.58 21.35
C ASP B 50 -10.07 23.21 21.54
N LEU B 51 -8.74 23.19 21.56
CA LEU B 51 -7.97 21.95 21.67
C LEU B 51 -7.35 21.77 23.05
N SER B 52 -7.79 22.55 24.05
CA SER B 52 -7.22 22.43 25.39
C SER B 52 -7.45 21.06 26.01
N LYS B 53 -8.43 20.31 25.50
CA LYS B 53 -8.70 18.99 26.06
C LYS B 53 -7.55 18.02 25.82
N LEU B 54 -6.79 18.20 24.75
CA LEU B 54 -5.74 17.25 24.42
C LEU B 54 -4.64 17.28 25.47
N PRO B 55 -4.14 16.12 25.90
CA PRO B 55 -3.05 16.11 26.87
C PRO B 55 -1.74 16.58 26.25
N ASN B 56 -0.85 17.08 27.10
CA ASN B 56 0.44 17.59 26.68
C ASN B 56 1.49 16.50 26.88
N GLN B 57 2.31 16.28 25.84
CA GLN B 57 3.34 15.24 25.85
C GLN B 57 4.73 15.85 25.69
N GLY B 58 4.91 17.09 26.15
CA GLY B 58 6.19 17.76 25.98
C GLY B 58 7.32 17.19 26.79
N GLU B 59 7.03 16.42 27.82
CA GLU B 59 8.06 15.83 28.67
C GLU B 59 8.46 14.43 28.24
N SER B 60 7.86 13.89 27.19
CA SER B 60 8.22 12.56 26.75
C SER B 60 9.59 12.58 26.09
N PRO B 61 10.39 11.52 26.25
CA PRO B 61 11.68 11.47 25.55
C PRO B 61 11.48 11.49 24.05
N LEU B 62 12.41 12.12 23.34
CA LEU B 62 12.36 12.20 21.88
C LEU B 62 12.86 10.87 21.32
N ARG B 63 11.93 10.07 20.80
CA ARG B 63 12.24 8.74 20.28
C ARG B 63 11.97 8.69 18.79
N ILE B 64 12.87 8.02 18.06
CA ILE B 64 12.75 7.85 16.62
C ILE B 64 12.95 6.37 16.30
N VAL B 65 12.05 5.82 15.49
CA VAL B 65 12.16 4.44 15.05
C VAL B 65 12.76 4.44 13.64
N ASP B 66 13.94 3.81 13.51
CA ASP B 66 14.64 3.82 12.23
C ASP B 66 13.97 2.92 11.20
N SER B 67 13.05 2.05 11.61
CA SER B 67 12.45 1.11 10.68
C SER B 67 11.72 1.83 9.56
N ASP B 68 10.92 2.84 9.89
CA ASP B 68 10.17 3.59 8.90
C ASP B 68 10.98 4.70 8.25
N LEU B 69 12.13 5.06 8.82
CA LEU B 69 12.98 6.07 8.22
C LEU B 69 13.80 5.56 7.04
N TYR B 70 14.05 4.25 6.99
CA TYR B 70 14.71 3.61 5.85
C TYR B 70 13.70 2.72 5.16
N SER B 71 13.52 2.92 3.85
CA SER B 71 12.54 2.18 3.10
C SER B 71 12.90 2.23 1.63
N GLU B 72 12.33 1.30 0.87
CA GLU B 72 12.55 1.22 -0.57
C GLU B 72 11.63 2.12 -1.37
N ARG B 73 10.71 2.84 -0.70
CA ARG B 73 9.80 3.74 -1.39
C ARG B 73 10.54 5.01 -1.82
N SER B 74 9.90 5.77 -2.70
CA SER B 74 10.54 6.91 -3.33
C SER B 74 10.56 8.12 -2.40
N CYS B 75 11.46 9.04 -2.72
CA CYS B 75 11.60 10.30 -1.98
C CYS B 75 12.36 11.28 -2.87
N CYS B 76 12.35 12.54 -2.46
CA CYS B 76 12.98 13.62 -3.19
C CYS B 76 14.21 14.10 -2.43
N TRP B 77 15.35 14.15 -3.11
CA TRP B 77 16.60 14.64 -2.55
C TRP B 77 17.02 15.89 -3.29
N VAL B 78 17.33 16.95 -2.54
CA VAL B 78 17.64 18.26 -3.13
C VAL B 78 19.14 18.46 -3.09
N ILE B 79 19.73 18.84 -4.22
CA ILE B 79 21.14 19.18 -4.32
C ILE B 79 21.27 20.49 -5.08
N GLU B 80 22.42 21.14 -4.91
CA GLU B 80 22.71 22.40 -5.56
C GLU B 80 23.88 22.18 -6.52
N LYS B 81 23.57 22.00 -7.81
CA LYS B 81 24.59 21.70 -8.80
C LYS B 81 25.59 22.84 -8.91
N GLU B 82 25.16 23.99 -9.42
CA GLU B 82 26.01 25.18 -9.49
C GLU B 82 25.45 26.32 -8.66
N GLY B 83 24.21 26.75 -8.94
CA GLY B 83 23.58 27.79 -8.15
C GLY B 83 22.08 27.60 -8.06
N ARG B 84 21.58 26.48 -8.58
CA ARG B 84 20.16 26.22 -8.68
C ARG B 84 19.82 24.94 -7.91
N VAL B 85 18.53 24.78 -7.63
CA VAL B 85 18.04 23.63 -6.88
C VAL B 85 17.68 22.53 -7.86
N VAL B 86 18.19 21.33 -7.63
CA VAL B 86 17.90 20.15 -8.42
C VAL B 86 17.26 19.12 -7.50
N CYS B 87 16.08 18.65 -7.89
CA CYS B 87 15.34 17.65 -7.14
C CYS B 87 15.50 16.31 -7.84
N LYS B 88 16.12 15.35 -7.16
CA LYS B 88 16.34 14.01 -7.69
C LYS B 88 15.40 13.03 -7.01
N SER B 89 14.87 12.09 -7.80
CA SER B 89 14.00 11.05 -7.27
C SER B 89 14.85 9.85 -6.88
N THR B 90 14.93 9.57 -5.59
CA THR B 90 15.71 8.43 -5.10
C THR B 90 14.84 7.58 -4.20
N THR B 91 15.43 6.59 -3.53
CA THR B 91 14.72 5.85 -2.50
C THR B 91 14.90 6.53 -1.16
N LEU B 92 13.95 6.27 -0.25
CA LEU B 92 14.02 6.88 1.07
C LEU B 92 15.31 6.48 1.78
N THR B 93 15.75 5.23 1.60
CA THR B 93 17.00 4.79 2.21
C THR B 93 18.17 5.61 1.67
N ARG B 94 18.23 5.80 0.35
CA ARG B 94 19.32 6.58 -0.24
C ARG B 94 19.24 8.04 0.19
N GLY B 95 18.03 8.59 0.26
CA GLY B 95 17.90 9.97 0.71
C GLY B 95 18.35 10.16 2.14
N MET B 96 17.96 9.24 3.03
CA MET B 96 18.40 9.33 4.41
C MET B 96 19.91 9.17 4.52
N THR B 97 20.48 8.26 3.73
CA THR B 97 21.93 8.09 3.74
C THR B 97 22.64 9.36 3.29
N SER B 98 22.12 10.00 2.23
CA SER B 98 22.72 11.24 1.76
C SER B 98 22.60 12.34 2.81
N LEU B 99 21.44 12.43 3.47
CA LEU B 99 21.26 13.43 4.50
C LEU B 99 22.27 13.23 5.63
N LEU B 100 22.42 11.98 6.09
CA LEU B 100 23.36 11.71 7.17
C LEU B 100 24.80 11.93 6.73
N ASN B 101 25.10 11.69 5.45
CA ASN B 101 26.45 11.94 4.96
C ASN B 101 26.76 13.43 4.95
N THR B 102 25.84 14.25 4.41
CA THR B 102 26.07 15.68 4.38
C THR B 102 26.14 16.25 5.79
N THR B 103 25.27 15.79 6.69
CA THR B 103 25.28 16.27 8.06
C THR B 103 26.32 15.55 8.91
N LYS B 104 26.89 14.45 8.42
CA LYS B 104 27.94 13.71 9.13
C LYS B 104 27.43 13.23 10.49
N CYS B 105 26.41 12.39 10.45
CA CYS B 105 25.81 11.83 11.65
C CYS B 105 25.61 10.33 11.50
N SER B 106 25.78 9.61 12.61
CA SER B 106 25.71 8.15 12.55
C SER B 106 24.28 7.67 12.36
N SER B 107 23.33 8.24 13.07
CA SER B 107 21.94 7.81 13.04
C SER B 107 21.03 9.03 12.99
N PRO B 108 19.79 8.86 12.55
CA PRO B 108 18.86 10.00 12.53
C PRO B 108 18.64 10.64 13.89
N SER B 109 18.68 9.85 14.97
CA SER B 109 18.48 10.43 16.30
C SER B 109 19.56 11.45 16.61
N GLU B 110 20.82 11.12 16.29
CA GLU B 110 21.89 12.09 16.48
C GLU B 110 21.64 13.35 15.67
N LEU B 111 21.15 13.20 14.44
CA LEU B 111 20.88 14.36 13.61
C LEU B 111 19.81 15.25 14.24
N ILE B 112 18.74 14.65 14.75
CA ILE B 112 17.67 15.46 15.32
C ILE B 112 18.13 16.13 16.61
N CYS B 113 18.91 15.41 17.43
CA CYS B 113 19.43 16.03 18.64
C CYS B 113 20.35 17.20 18.32
N LYS B 114 21.21 17.04 17.31
CA LYS B 114 22.09 18.14 16.92
C LYS B 114 21.30 19.32 16.37
N VAL B 115 20.26 19.04 15.58
CA VAL B 115 19.45 20.12 15.02
C VAL B 115 18.75 20.90 16.12
N LEU B 116 18.23 20.19 17.13
CA LEU B 116 17.47 20.84 18.19
C LEU B 116 18.35 21.60 19.17
N THR B 117 19.68 21.47 19.09
CA THR B 117 20.59 22.06 20.07
C THR B 117 21.70 22.84 19.37
N VAL B 118 21.32 23.72 18.45
CA VAL B 118 22.26 24.64 17.82
C VAL B 118 21.94 26.06 18.30
N GLU B 119 22.97 26.91 18.30
CA GLU B 119 22.80 28.26 18.80
C GLU B 119 22.04 29.14 17.83
N SER B 120 22.23 28.95 16.52
CA SER B 120 21.58 29.79 15.53
C SER B 120 21.29 28.97 14.28
N LEU B 121 20.37 29.48 13.47
CA LEU B 121 20.02 28.81 12.22
C LEU B 121 21.23 28.73 11.28
N SER B 122 22.12 29.71 11.35
CA SER B 122 23.29 29.74 10.48
C SER B 122 24.41 28.84 10.96
N GLU B 123 24.32 28.29 12.17
CA GLU B 123 25.35 27.39 12.66
C GLU B 123 25.45 26.16 11.78
N LYS B 124 26.66 25.65 11.62
CA LYS B 124 26.94 24.55 10.71
C LYS B 124 26.73 23.21 11.42
N ILE B 125 26.05 22.30 10.73
CA ILE B 125 25.93 20.91 11.16
C ILE B 125 26.53 20.07 10.04
N GLY B 126 27.81 19.74 10.17
CA GLY B 126 28.53 19.08 9.10
C GLY B 126 28.74 20.00 7.92
N ASP B 127 28.20 19.65 6.77
CA ASP B 127 28.31 20.47 5.56
C ASP B 127 27.08 21.34 5.35
N THR B 128 26.14 21.35 6.29
CA THR B 128 24.90 22.10 6.13
C THR B 128 24.47 22.66 7.48
N SER B 129 23.66 23.70 7.42
CA SER B 129 23.10 24.35 8.60
C SER B 129 21.60 24.05 8.69
N VAL B 130 21.01 24.47 9.81
CA VAL B 130 19.57 24.28 9.98
C VAL B 130 18.79 25.10 8.96
N GLU B 131 19.28 26.30 8.64
CA GLU B 131 18.62 27.12 7.62
C GLU B 131 18.62 26.41 6.27
N GLU B 132 19.76 25.84 5.88
CA GLU B 132 19.81 25.11 4.62
C GLU B 132 18.89 23.90 4.64
N LEU B 133 18.84 23.19 5.77
CA LEU B 133 17.97 22.03 5.88
C LEU B 133 16.52 22.44 5.72
N LEU B 134 16.11 23.54 6.35
CA LEU B 134 14.72 23.99 6.24
C LEU B 134 14.41 24.47 4.82
N SER B 135 15.38 25.12 4.17
CA SER B 135 15.19 25.55 2.79
C SER B 135 15.00 24.34 1.87
N HIS B 136 15.80 23.30 2.08
CA HIS B 136 15.73 22.12 1.20
C HIS B 136 14.52 21.24 1.51
N GLY B 137 14.05 21.23 2.75
CA GLY B 137 12.95 20.36 3.12
C GLY B 137 11.60 20.80 2.63
N ARG B 138 11.49 21.99 2.05
CA ARG B 138 10.22 22.49 1.55
C ARG B 138 9.97 22.13 0.09
N TYR B 139 10.85 21.37 -0.53
CA TYR B 139 10.71 20.98 -1.93
C TYR B 139 10.05 19.62 -2.02
N PHE B 140 9.09 19.49 -2.92
CA PHE B 140 8.34 18.25 -3.11
C PHE B 140 8.30 17.90 -4.59
N LYS B 141 8.19 16.60 -4.86
CA LYS B 141 7.99 16.09 -6.22
C LYS B 141 6.59 15.49 -6.32
N CYS B 142 6.07 15.43 -7.53
CA CYS B 142 4.71 14.97 -7.78
C CYS B 142 4.72 13.63 -8.49
N ALA B 143 3.72 12.80 -8.17
CA ALA B 143 3.52 11.52 -8.83
C ALA B 143 2.04 11.20 -8.80
N LEU B 144 1.66 10.16 -9.53
CA LEU B 144 0.26 9.77 -9.68
C LEU B 144 -0.03 8.55 -8.83
N ARG B 145 -1.16 8.58 -8.12
CA ARG B 145 -1.60 7.45 -7.30
C ARG B 145 -2.67 6.71 -8.11
N ASP B 146 -2.24 5.64 -8.80
CA ASP B 146 -3.14 4.86 -9.62
C ASP B 146 -3.71 3.69 -8.82
N GLN B 147 -4.58 2.91 -9.47
CA GLN B 147 -5.19 1.73 -8.87
C GLN B 147 -6.01 2.07 -7.64
N GLU B 148 -6.54 3.29 -7.57
CA GLU B 148 -7.38 3.71 -6.46
C GLU B 148 -8.84 3.57 -6.88
N ARG B 149 -9.52 2.55 -6.34
CA ARG B 149 -10.87 2.24 -6.76
C ARG B 149 -11.80 3.43 -6.56
N GLY B 150 -12.65 3.68 -7.54
CA GLY B 150 -13.63 4.74 -7.46
C GLY B 150 -13.14 6.12 -7.87
N LYS B 151 -11.92 6.23 -8.38
CA LYS B 151 -11.34 7.51 -8.80
C LYS B 151 -10.81 7.35 -10.22
N PRO B 152 -11.67 7.48 -11.23
CA PRO B 152 -11.19 7.34 -12.62
C PRO B 152 -10.05 8.27 -12.94
N LYS B 153 -10.09 9.50 -12.44
CA LYS B 153 -8.98 10.44 -12.57
C LYS B 153 -8.08 10.28 -11.35
N SER B 154 -6.87 9.76 -11.58
CA SER B 154 -5.98 9.45 -10.47
C SER B 154 -5.55 10.72 -9.75
N ARG B 155 -5.40 10.61 -8.43
CA ARG B 155 -4.97 11.74 -7.61
C ARG B 155 -3.45 11.88 -7.65
N ALA B 156 -2.98 13.00 -7.12
CA ALA B 156 -1.55 13.31 -7.08
C ALA B 156 -1.02 13.09 -5.68
N ILE B 157 0.02 12.27 -5.55
CA ILE B 157 0.74 12.11 -4.32
C ILE B 157 2.07 12.84 -4.45
N PHE B 158 2.73 13.07 -3.32
CA PHE B 158 3.91 13.92 -3.28
C PHE B 158 5.03 13.22 -2.53
N LEU B 159 6.23 13.29 -3.10
CA LEU B 159 7.44 12.79 -2.45
C LEU B 159 8.15 13.96 -1.78
N SER B 160 8.55 13.76 -0.53
CA SER B 160 9.09 14.82 0.32
C SER B 160 10.58 14.60 0.58
N HIS B 161 11.18 15.61 1.21
CA HIS B 161 12.59 15.57 1.54
C HIS B 161 12.83 14.65 2.73
N PRO B 162 14.02 14.04 2.83
CA PRO B 162 14.30 13.19 4.01
C PRO B 162 14.15 13.90 5.33
N PHE B 163 14.52 15.18 5.43
CA PHE B 163 14.36 15.92 6.67
C PHE B 163 12.90 16.08 7.04
N PHE B 164 12.06 16.35 6.03
CA PHE B 164 10.62 16.44 6.27
C PHE B 164 10.09 15.12 6.81
N ARG B 165 10.52 13.99 6.24
CA ARG B 165 10.11 12.68 6.73
C ARG B 165 10.60 12.47 8.17
N LEU B 166 11.82 12.90 8.45
CA LEU B 166 12.39 12.70 9.79
C LEU B 166 11.56 13.42 10.84
N LEU B 167 11.17 14.67 10.57
CA LEU B 167 10.35 15.39 11.54
C LEU B 167 8.93 14.83 11.59
N SER B 168 8.36 14.50 10.43
CA SER B 168 7.00 13.99 10.40
C SER B 168 6.88 12.67 11.13
N SER B 169 7.93 11.85 11.14
CA SER B 169 7.86 10.58 11.86
C SER B 169 7.61 10.82 13.35
N VAL B 170 8.39 11.71 13.96
CA VAL B 170 8.21 12.01 15.38
C VAL B 170 6.83 12.61 15.61
N VAL B 171 6.45 13.59 14.78
CA VAL B 171 5.18 14.27 14.98
C VAL B 171 4.04 13.27 14.92
N GLU B 172 4.05 12.39 13.92
CA GLU B 172 2.95 11.45 13.74
C GLU B 172 2.95 10.36 14.81
N THR B 173 4.13 9.92 15.27
CA THR B 173 4.17 8.96 16.35
C THR B 173 3.51 9.53 17.60
N HIS B 174 3.87 10.77 17.96
CA HIS B 174 3.29 11.36 19.15
C HIS B 174 1.80 11.66 18.95
N ALA B 175 1.40 12.07 17.75
CA ALA B 175 -0.02 12.30 17.49
C ALA B 175 -0.82 11.01 17.62
N ARG B 176 -0.27 9.90 17.11
CA ARG B 176 -0.95 8.62 17.25
C ARG B 176 -1.05 8.19 18.70
N SER B 177 0.01 8.42 19.49
CA SER B 177 -0.06 8.12 20.91
C SER B 177 -1.16 8.93 21.59
N VAL B 178 -1.22 10.23 21.28
CA VAL B 178 -2.25 11.08 21.89
C VAL B 178 -3.63 10.62 21.46
N LEU B 179 -3.79 10.20 20.21
CA LEU B 179 -5.08 9.70 19.74
C LEU B 179 -5.47 8.44 20.49
N SER B 180 -4.53 7.52 20.67
CA SER B 180 -4.83 6.30 21.42
C SER B 180 -5.25 6.64 22.84
N LYS B 181 -4.62 7.66 23.43
CA LYS B 181 -5.04 8.10 24.76
C LYS B 181 -6.42 8.75 24.74
N VAL B 182 -6.79 9.41 23.64
CA VAL B 182 -8.04 10.15 23.59
C VAL B 182 -9.22 9.20 23.65
N SER B 183 -9.19 8.14 22.84
CA SER B 183 -10.28 7.19 22.76
C SER B 183 -9.72 5.78 22.53
N ALA B 184 -10.53 4.79 22.89
CA ALA B 184 -10.14 3.39 22.75
C ALA B 184 -10.25 2.88 21.32
N VAL B 185 -10.86 3.64 20.42
CA VAL B 185 -11.03 3.20 19.04
C VAL B 185 -9.75 3.35 18.22
N TYR B 186 -8.84 4.25 18.61
CA TYR B 186 -7.62 4.52 17.87
C TYR B 186 -6.45 3.67 18.33
N THR B 187 -6.72 2.53 18.98
CA THR B 187 -5.64 1.67 19.44
C THR B 187 -4.83 1.17 18.26
N ALA B 188 -3.51 1.03 18.48
CA ALA B 188 -2.63 0.62 17.41
C ALA B 188 -2.99 -0.76 16.88
N THR B 189 -3.29 -1.69 17.78
CA THR B 189 -3.63 -3.07 17.41
C THR B 189 -5.14 -3.20 17.32
N ALA B 190 -5.70 -2.70 16.22
CA ALA B 190 -7.13 -2.77 15.98
C ALA B 190 -7.37 -2.84 14.48
N SER B 191 -8.26 -3.75 14.08
CA SER B 191 -8.58 -3.94 12.68
C SER B 191 -9.74 -3.02 12.26
N ALA B 192 -9.96 -2.95 10.95
CA ALA B 192 -11.05 -2.12 10.43
C ALA B 192 -12.39 -2.60 10.95
N GLU B 193 -12.60 -3.93 10.99
CA GLU B 193 -13.86 -4.46 11.49
C GLU B 193 -14.02 -4.18 12.98
N GLN B 194 -12.94 -4.24 13.75
CA GLN B 194 -13.02 -3.89 15.16
C GLN B 194 -13.39 -2.42 15.34
N ARG B 195 -12.79 -1.55 14.53
CA ARG B 195 -13.14 -0.13 14.59
C ARG B 195 -14.61 0.09 14.24
N ALA B 196 -15.09 -0.62 13.22
CA ALA B 196 -16.50 -0.49 12.85
C ALA B 196 -17.42 -0.99 13.96
N MET B 197 -17.05 -2.09 14.61
CA MET B 197 -17.87 -2.60 15.71
C MET B 197 -17.90 -1.62 16.88
N MET B 198 -16.75 -1.02 17.21
CA MET B 198 -16.74 -0.01 18.26
C MET B 198 -17.58 1.20 17.85
N ALA B 199 -17.51 1.61 16.58
CA ALA B 199 -18.33 2.70 16.09
C ALA B 199 -19.82 2.38 16.26
N ALA B 200 -20.21 1.15 15.90
CA ALA B 200 -21.60 0.75 16.07
C ALA B 200 -22.00 0.80 17.54
N GLN B 201 -21.12 0.32 18.42
CA GLN B 201 -21.40 0.38 19.85
C GLN B 201 -21.51 1.82 20.36
N VAL B 202 -20.86 2.76 19.70
CA VAL B 202 -20.84 4.14 20.18
C VAL B 202 -22.08 4.93 19.78
N VAL B 203 -22.72 4.58 18.67
CA VAL B 203 -23.84 5.36 18.14
C VAL B 203 -25.16 4.60 18.27
N GLU B 204 -25.23 3.60 19.14
CA GLU B 204 -26.47 2.85 19.30
C GLU B 204 -27.54 3.70 19.99
N SER B 205 -27.13 4.63 20.84
CA SER B 205 -28.10 5.39 21.64
C SER B 205 -29.03 6.22 20.76
N ARG B 206 -28.47 6.93 19.79
CA ARG B 206 -29.26 7.87 19.00
C ARG B 206 -30.00 7.14 17.87
N LYS B 207 -30.79 7.90 17.12
CA LYS B 207 -31.64 7.35 16.07
C LYS B 207 -30.97 7.44 14.70
N HIS B 208 -30.62 8.65 14.26
CA HIS B 208 -30.07 8.87 12.94
C HIS B 208 -28.55 8.81 12.98
N VAL B 209 -27.95 8.24 11.94
CA VAL B 209 -26.51 8.14 11.80
C VAL B 209 -26.11 8.93 10.56
N LEU B 210 -25.17 9.85 10.73
CA LEU B 210 -24.61 10.61 9.61
C LEU B 210 -23.26 9.99 9.25
N ASN B 211 -23.20 9.36 8.07
CA ASN B 211 -21.96 8.84 7.53
C ASN B 211 -21.39 9.91 6.60
N GLY B 212 -20.28 10.53 7.02
CA GLY B 212 -19.75 11.69 6.34
C GLY B 212 -18.34 11.48 5.84
N ASP B 213 -18.03 12.14 4.73
CA ASP B 213 -16.68 12.20 4.21
C ASP B 213 -16.34 13.67 3.96
N CYS B 214 -15.06 14.00 4.08
CA CYS B 214 -14.60 15.38 3.92
C CYS B 214 -14.10 15.60 2.51
N THR B 215 -14.41 16.76 1.96
CA THR B 215 -14.00 17.14 0.61
C THR B 215 -12.82 18.10 0.69
N LYS B 216 -11.85 17.91 -0.20
CA LYS B 216 -10.63 18.72 -0.21
C LYS B 216 -9.96 18.67 1.17
N TYR B 217 -9.88 17.47 1.73
CA TYR B 217 -9.37 17.31 3.08
C TYR B 217 -7.93 17.81 3.19
N ASN B 218 -7.09 17.46 2.22
CA ASN B 218 -5.69 17.84 2.29
C ASN B 218 -5.50 19.33 1.99
N GLU B 219 -6.35 19.91 1.14
CA GLU B 219 -6.21 21.32 0.78
C GLU B 219 -6.78 22.26 1.82
N ALA B 220 -7.57 21.76 2.76
CA ALA B 220 -8.22 22.59 3.77
C ALA B 220 -7.55 22.49 5.14
N ILE B 221 -6.52 21.66 5.29
CA ILE B 221 -5.79 21.52 6.55
C ILE B 221 -4.55 22.38 6.42
N ASP B 222 -4.66 23.62 6.89
CA ASP B 222 -3.59 24.59 6.76
C ASP B 222 -2.45 24.27 7.73
N ALA B 223 -1.31 24.91 7.49
CA ALA B 223 -0.18 24.79 8.41
C ALA B 223 -0.53 25.37 9.78
N ASP B 224 -1.41 26.38 9.82
CA ASP B 224 -1.81 26.96 11.10
C ASP B 224 -2.51 25.92 11.98
N THR B 225 -3.40 25.12 11.38
CA THR B 225 -4.08 24.09 12.15
C THR B 225 -3.09 23.05 12.67
N LEU B 226 -2.15 22.64 11.82
CA LEU B 226 -1.14 21.67 12.24
C LEU B 226 -0.32 22.21 13.40
N LEU B 227 0.10 23.47 13.31
CA LEU B 227 0.87 24.07 14.40
C LEU B 227 0.03 24.19 15.66
N LYS B 228 -1.26 24.53 15.51
CA LYS B 228 -2.14 24.59 16.67
C LYS B 228 -2.22 23.25 17.38
N VAL B 229 -2.43 22.18 16.62
CA VAL B 229 -2.53 20.85 17.23
C VAL B 229 -1.20 20.46 17.88
N TRP B 230 -0.09 20.71 17.17
CA TRP B 230 1.21 20.32 17.70
C TRP B 230 1.54 21.07 18.99
N ASP B 231 1.22 22.37 19.04
CA ASP B 231 1.39 23.12 20.28
C ASP B 231 0.48 22.60 21.38
N ALA B 232 -0.75 22.22 21.03
CA ALA B 232 -1.66 21.68 22.03
C ALA B 232 -1.09 20.41 22.65
N ILE B 233 -0.49 19.54 21.83
CA ILE B 233 0.11 18.31 22.35
C ILE B 233 1.56 18.52 22.77
N GLY B 234 2.12 19.70 22.56
CA GLY B 234 3.45 20.01 23.06
C GLY B 234 4.58 19.42 22.25
N MET B 235 4.72 19.87 21.00
CA MET B 235 5.77 19.38 20.12
C MET B 235 7.01 20.29 20.10
N GLY B 236 6.98 21.40 20.84
CA GLY B 236 8.16 22.25 20.90
C GLY B 236 8.55 22.79 19.54
N SER B 237 9.86 22.84 19.29
CA SER B 237 10.36 23.45 18.06
C SER B 237 10.19 22.56 16.84
N ILE B 238 10.01 21.25 17.02
CA ILE B 238 9.82 20.36 15.89
C ILE B 238 8.54 20.74 15.14
N GLY B 239 7.46 20.97 15.88
CA GLY B 239 6.22 21.39 15.25
C GLY B 239 6.34 22.72 14.53
N VAL B 240 7.06 23.67 15.14
CA VAL B 240 7.25 24.97 14.51
C VAL B 240 8.02 24.81 13.21
N MET B 241 9.08 24.00 13.23
CA MET B 241 9.87 23.80 12.02
C MET B 241 9.04 23.13 10.93
N LEU B 242 8.24 22.12 11.30
CA LEU B 242 7.41 21.45 10.31
C LEU B 242 6.37 22.41 9.73
N ALA B 243 5.75 23.24 10.57
CA ALA B 243 4.79 24.20 10.07
C ALA B 243 5.45 25.20 9.13
N TYR B 244 6.65 25.66 9.48
CA TYR B 244 7.37 26.60 8.62
C TYR B 244 7.69 25.96 7.27
N MET B 245 8.11 24.70 7.27
CA MET B 245 8.41 24.02 6.02
C MET B 245 7.15 23.82 5.19
N VAL B 246 6.02 23.49 5.84
CA VAL B 246 4.78 23.26 5.10
C VAL B 246 4.27 24.57 4.50
N ARG B 247 4.42 25.68 5.22
CA ARG B 247 3.90 26.95 4.73
C ARG B 247 4.63 27.41 3.47
N ARG B 248 5.91 27.10 3.35
CA ARG B 248 6.73 27.56 2.22
C ARG B 248 6.98 26.47 1.20
N LYS B 249 6.19 25.40 1.22
CA LYS B 249 6.47 24.25 0.37
C LYS B 249 6.35 24.62 -1.11
N CYS B 250 7.21 24.00 -1.92
CA CYS B 250 7.18 24.16 -3.37
C CYS B 250 7.13 22.78 -4.01
N VAL B 251 6.33 22.65 -5.07
CA VAL B 251 6.11 21.40 -5.77
C VAL B 251 6.71 21.51 -7.16
N LEU B 252 7.51 20.52 -7.54
CA LEU B 252 8.13 20.48 -8.86
C LEU B 252 7.18 19.77 -9.82
N ILE B 253 6.52 20.54 -10.67
CA ILE B 253 5.64 20.01 -11.71
C ILE B 253 6.38 20.04 -13.03
N LYS B 254 6.60 18.87 -13.62
CA LYS B 254 7.35 18.77 -14.86
C LYS B 254 8.74 19.35 -14.67
N ASP B 255 8.92 20.64 -15.00
CA ASP B 255 10.23 21.28 -14.91
C ASP B 255 10.13 22.67 -14.29
N THR B 256 9.05 22.95 -13.56
CA THR B 256 8.86 24.25 -12.94
C THR B 256 8.39 24.07 -11.51
N LEU B 257 8.85 24.95 -10.62
CA LEU B 257 8.46 24.91 -9.22
C LEU B 257 7.28 25.84 -8.98
N VAL B 258 6.26 25.33 -8.31
CA VAL B 258 5.03 26.06 -8.03
C VAL B 258 4.88 26.15 -6.52
N GLU B 259 4.56 27.35 -6.03
CA GLU B 259 4.41 27.57 -4.60
C GLU B 259 2.99 27.23 -4.17
N CYS B 260 2.88 26.45 -3.10
CA CYS B 260 1.58 25.99 -2.57
C CYS B 260 1.53 26.28 -1.08
N PRO B 261 1.29 27.54 -0.70
CA PRO B 261 1.23 27.88 0.74
C PRO B 261 0.10 27.20 1.49
N GLY B 262 -0.95 26.76 0.81
CA GLY B 262 -2.09 26.15 1.48
C GLY B 262 -2.06 24.64 1.44
N GLY B 263 -2.84 23.99 2.30
CA GLY B 263 -2.95 22.55 2.30
C GLY B 263 -1.78 21.88 2.99
N MET B 264 -1.82 20.54 2.99
CA MET B 264 -0.77 19.73 3.60
C MET B 264 -0.29 18.61 2.67
N LEU B 265 -0.58 18.71 1.38
CA LEU B 265 0.00 17.84 0.35
C LEU B 265 -0.30 16.36 0.61
N MET B 266 -1.59 16.04 0.49
CA MET B 266 -2.05 14.67 0.29
C MET B 266 -1.61 13.76 1.45
N GLY B 267 -2.20 14.02 2.62
CA GLY B 267 -2.15 13.09 3.72
C GLY B 267 -0.78 12.85 4.32
N MET B 268 -0.01 13.90 4.55
CA MET B 268 1.25 13.77 5.26
C MET B 268 1.04 13.64 6.77
N PHE B 269 -0.06 14.18 7.30
CA PHE B 269 -0.29 14.31 8.73
C PHE B 269 -1.70 13.86 9.09
N ASN B 270 -2.09 12.67 8.62
CA ASN B 270 -3.44 12.18 8.88
C ASN B 270 -3.79 12.23 10.36
N ALA B 271 -2.87 11.75 11.21
CA ALA B 271 -3.13 11.72 12.65
C ALA B 271 -3.32 13.12 13.20
N THR B 272 -2.53 14.08 12.71
CA THR B 272 -2.65 15.45 13.22
C THR B 272 -4.01 16.04 12.89
N ALA B 273 -4.53 15.80 11.69
CA ALA B 273 -5.85 16.32 11.35
C ALA B 273 -6.95 15.59 12.11
N THR B 274 -6.81 14.28 12.28
CA THR B 274 -7.75 13.55 13.12
C THR B 274 -7.77 14.15 14.53
N LEU B 275 -6.62 14.53 15.05
CA LEU B 275 -6.56 15.20 16.35
C LEU B 275 -7.23 16.57 16.27
N ALA B 276 -6.99 17.31 15.19
CA ALA B 276 -7.63 18.61 15.04
C ALA B 276 -9.14 18.50 15.15
N LEU B 277 -9.71 17.39 14.67
CA LEU B 277 -11.15 17.19 14.85
C LEU B 277 -11.49 16.67 16.25
N GLN B 278 -10.74 15.69 16.75
CA GLN B 278 -11.13 14.99 17.97
C GLN B 278 -10.91 15.82 19.21
N GLY B 279 -10.02 16.81 19.18
CA GLY B 279 -9.76 17.62 20.34
C GLY B 279 -10.80 18.69 20.62
N THR B 280 -11.68 18.96 19.66
CA THR B 280 -12.71 19.97 19.83
C THR B 280 -14.01 19.39 20.36
N THR B 281 -14.19 18.08 20.29
CA THR B 281 -15.44 17.45 20.72
C THR B 281 -15.20 15.95 20.88
N ASP B 282 -16.24 15.26 21.32
CA ASP B 282 -16.20 13.80 21.48
C ASP B 282 -17.36 13.12 20.77
N ARG B 283 -18.14 13.84 19.99
CA ARG B 283 -19.32 13.30 19.34
C ARG B 283 -19.03 12.66 17.99
N PHE B 284 -17.79 12.73 17.51
CA PHE B 284 -17.41 12.19 16.22
C PHE B 284 -16.44 11.02 16.40
N LEU B 285 -16.43 10.13 15.41
CA LEU B 285 -15.46 9.04 15.31
C LEU B 285 -14.88 9.13 13.91
N SER B 286 -13.79 9.88 13.77
CA SER B 286 -13.23 10.21 12.47
C SER B 286 -11.88 9.52 12.27
N PHE B 287 -11.61 9.16 11.02
CA PHE B 287 -10.32 8.64 10.58
C PHE B 287 -9.94 9.43 9.35
N SER B 288 -9.18 10.51 9.56
CA SER B 288 -8.80 11.42 8.48
C SER B 288 -10.04 12.08 7.88
N ASP B 289 -10.41 11.70 6.65
CA ASP B 289 -11.49 12.35 5.93
C ASP B 289 -12.79 11.56 5.98
N ASP B 290 -12.87 10.51 6.77
CA ASP B 290 -14.06 9.67 6.87
C ASP B 290 -14.49 9.58 8.32
N PHE B 291 -15.78 9.79 8.57
CA PHE B 291 -16.28 9.80 9.94
C PHE B 291 -17.73 9.38 9.97
N ILE B 292 -18.20 9.04 11.16
CA ILE B 292 -19.61 8.78 11.43
C ILE B 292 -19.97 9.49 12.71
N THR B 293 -21.15 10.10 12.75
CA THR B 293 -21.71 10.68 13.96
C THR B 293 -23.16 10.27 14.07
N SER B 294 -23.78 10.63 15.19
CA SER B 294 -25.16 10.22 15.45
C SER B 294 -25.93 11.38 16.07
N PHE B 295 -27.23 11.41 15.82
CA PHE B 295 -28.07 12.49 16.31
C PHE B 295 -29.51 12.03 16.40
N ASN B 296 -30.32 12.83 17.09
CA ASN B 296 -31.75 12.55 17.29
C ASN B 296 -32.65 13.60 16.65
N SER B 297 -32.26 14.86 16.66
CA SER B 297 -33.10 15.96 16.23
C SER B 297 -32.33 16.87 15.29
N PRO B 298 -33.04 17.67 14.48
CA PRO B 298 -32.33 18.59 13.57
C PRO B 298 -31.41 19.56 14.29
N ALA B 299 -31.72 19.94 15.53
CA ALA B 299 -30.82 20.82 16.27
C ALA B 299 -29.47 20.15 16.48
N GLU B 300 -29.47 18.85 16.80
CA GLU B 300 -28.21 18.13 16.95
C GLU B 300 -27.47 18.08 15.62
N LEU B 301 -28.19 17.95 14.51
CA LEU B 301 -27.55 17.97 13.20
C LEU B 301 -26.89 19.32 12.93
N ARG B 302 -27.57 20.41 13.29
CA ARG B 302 -26.97 21.73 13.13
C ARG B 302 -25.72 21.88 14.00
N GLU B 303 -25.77 21.36 15.23
CA GLU B 303 -24.60 21.40 16.09
C GLU B 303 -23.45 20.60 15.47
N ILE B 304 -23.76 19.44 14.90
CA ILE B 304 -22.74 18.62 14.25
C ILE B 304 -22.12 19.38 13.08
N GLU B 305 -22.96 20.03 12.27
CA GLU B 305 -22.43 20.78 11.14
C GLU B 305 -21.54 21.92 11.60
N ASP B 306 -21.95 22.63 12.67
CA ASP B 306 -21.12 23.70 13.20
C ASP B 306 -19.79 23.17 13.71
N LEU B 307 -19.82 22.04 14.41
CA LEU B 307 -18.57 21.44 14.91
C LEU B 307 -17.65 21.06 13.76
N LEU B 308 -18.21 20.47 12.70
CA LEU B 308 -17.40 20.11 11.54
C LEU B 308 -16.80 21.34 10.89
N PHE B 309 -17.58 22.40 10.75
CA PHE B 309 -17.06 23.63 10.14
C PHE B 309 -15.94 24.22 10.99
N ALA B 310 -16.11 24.23 12.31
CA ALA B 310 -15.11 24.84 13.18
C ALA B 310 -13.78 24.11 13.11
N SER B 311 -13.81 22.79 12.91
CA SER B 311 -12.60 21.96 12.91
C SER B 311 -11.97 21.83 11.53
N CYS B 312 -12.44 22.59 10.54
CA CYS B 312 -11.90 22.56 9.19
C CYS B 312 -12.13 21.22 8.50
N HIS B 313 -13.16 20.49 8.91
CA HIS B 313 -13.55 19.24 8.26
C HIS B 313 -14.80 19.54 7.41
N ASN B 314 -14.56 20.00 6.19
CA ASN B 314 -15.65 20.41 5.31
C ASN B 314 -16.43 19.20 4.85
N LEU B 315 -17.73 19.18 5.16
CA LEU B 315 -18.57 18.06 4.76
C LEU B 315 -18.62 17.92 3.25
N SER B 316 -18.59 16.68 2.78
CA SER B 316 -18.72 16.38 1.36
C SER B 316 -20.21 16.18 1.05
N LEU B 317 -20.82 17.19 0.43
CA LEU B 317 -22.23 17.09 0.10
C LEU B 317 -22.51 16.03 -0.95
N LYS B 318 -21.49 15.62 -1.70
CA LYS B 318 -21.68 14.62 -2.75
C LYS B 318 -21.77 13.21 -2.18
N LYS B 319 -21.07 12.91 -1.09
CA LYS B 319 -20.95 11.56 -0.58
C LYS B 319 -21.58 11.35 0.79
N SER B 320 -21.57 12.36 1.68
CA SER B 320 -22.13 12.18 3.01
C SER B 320 -23.63 11.94 2.92
N TYR B 321 -24.13 11.08 3.80
CA TYR B 321 -25.56 10.78 3.81
C TYR B 321 -25.98 10.39 5.23
N ILE B 322 -27.29 10.17 5.38
CA ILE B 322 -27.91 9.86 6.66
C ILE B 322 -28.64 8.54 6.52
N SER B 323 -28.49 7.66 7.52
CA SER B 323 -29.14 6.36 7.55
C SER B 323 -29.74 6.11 8.92
N VAL B 324 -30.54 5.05 9.01
CA VAL B 324 -31.19 4.68 10.26
C VAL B 324 -30.86 3.22 10.60
N ALA B 325 -30.54 2.42 9.59
CA ALA B 325 -30.31 0.99 9.76
C ALA B 325 -28.97 0.56 9.18
N SER B 326 -28.04 1.50 9.03
CA SER B 326 -26.76 1.19 8.42
C SER B 326 -25.66 2.01 9.10
N LEU B 327 -24.43 1.55 8.93
CA LEU B 327 -23.27 2.19 9.56
C LEU B 327 -22.06 1.91 8.68
N GLU B 328 -21.60 2.93 7.95
CA GLU B 328 -20.45 2.81 7.07
C GLU B 328 -19.28 3.57 7.65
N ILE B 329 -18.21 2.85 7.99
CA ILE B 329 -16.99 3.46 8.50
C ILE B 329 -15.82 2.59 8.10
N ASN B 330 -14.74 3.22 7.65
CA ASN B 330 -13.55 2.52 7.16
C ASN B 330 -13.91 1.58 6.01
N SER B 331 -14.90 1.96 5.21
CA SER B 331 -15.36 1.17 4.08
C SER B 331 -16.18 -0.04 4.53
N CYS B 332 -16.25 -0.27 5.84
CA CYS B 332 -16.96 -1.42 6.38
C CYS B 332 -18.38 -1.01 6.74
N THR B 333 -19.35 -1.82 6.30
CA THR B 333 -20.77 -1.56 6.55
C THR B 333 -21.29 -2.55 7.56
N LEU B 334 -21.95 -2.04 8.60
CA LEU B 334 -22.52 -2.85 9.67
C LEU B 334 -23.94 -2.40 9.93
N THR B 335 -24.74 -3.33 10.47
CA THR B 335 -26.07 -2.98 10.95
C THR B 335 -25.95 -2.28 12.30
N ARG B 336 -27.05 -1.65 12.72
CA ARG B 336 -27.04 -0.88 13.95
C ARG B 336 -26.70 -1.76 15.16
N ASP B 337 -26.99 -3.05 15.10
CA ASP B 337 -26.67 -3.96 16.19
C ASP B 337 -25.22 -4.39 16.19
N GLY B 338 -24.43 -4.01 15.18
CA GLY B 338 -23.04 -4.35 15.10
C GLY B 338 -22.73 -5.53 14.19
N ASP B 339 -23.73 -6.26 13.73
CA ASP B 339 -23.50 -7.40 12.86
C ASP B 339 -23.13 -6.93 11.45
N LEU B 340 -22.35 -7.77 10.77
CA LEU B 340 -21.93 -7.45 9.42
C LEU B 340 -23.13 -7.44 8.47
N ALA B 341 -23.19 -6.41 7.63
CA ALA B 341 -24.27 -6.32 6.65
C ALA B 341 -24.10 -7.40 5.59
N THR B 342 -25.20 -8.04 5.23
CA THR B 342 -25.15 -9.12 4.25
C THR B 342 -24.80 -8.59 2.88
N GLY B 343 -24.04 -9.38 2.13
CA GLY B 343 -23.61 -9.04 0.79
C GLY B 343 -22.10 -9.17 0.64
N LEU B 344 -21.65 -8.93 -0.59
CA LEU B 344 -20.22 -9.03 -0.88
C LEU B 344 -19.43 -8.01 -0.07
N GLY B 345 -19.93 -6.78 0.03
CA GLY B 345 -19.26 -5.76 0.79
C GLY B 345 -18.01 -5.24 0.11
N CYS B 346 -16.86 -5.37 0.78
CA CYS B 346 -15.59 -4.89 0.27
C CYS B 346 -14.75 -6.01 -0.35
N THR B 347 -15.33 -7.18 -0.58
CA THR B 347 -14.58 -8.28 -1.18
C THR B 347 -13.97 -7.82 -2.49
N ALA B 348 -12.67 -8.07 -2.64
CA ALA B 348 -11.92 -7.63 -3.81
C ALA B 348 -11.36 -8.84 -4.55
N GLY B 349 -11.43 -8.79 -5.88
CA GLY B 349 -10.90 -9.87 -6.68
C GLY B 349 -9.39 -9.88 -6.70
N VAL B 350 -8.83 -11.02 -7.11
CA VAL B 350 -7.40 -11.23 -7.17
C VAL B 350 -7.00 -11.23 -8.64
N PRO B 351 -6.21 -10.26 -9.11
CA PRO B 351 -5.76 -10.27 -10.51
C PRO B 351 -4.71 -11.34 -10.73
N PHE B 352 -4.46 -11.62 -12.01
CA PHE B 352 -3.48 -12.64 -12.41
C PHE B 352 -2.09 -12.01 -12.40
N ARG B 353 -1.34 -12.25 -11.32
CA ARG B 353 0.05 -11.80 -11.20
C ARG B 353 0.84 -12.93 -10.57
N GLY B 354 1.37 -13.81 -11.42
CA GLY B 354 2.14 -14.94 -10.96
C GLY B 354 1.28 -16.17 -10.74
N PRO B 355 1.76 -17.34 -11.21
CA PRO B 355 0.93 -18.55 -11.07
C PRO B 355 0.60 -18.90 -9.63
N LEU B 356 1.54 -18.72 -8.70
CA LEU B 356 1.33 -19.10 -7.31
C LEU B 356 0.92 -17.94 -6.42
N VAL B 357 1.33 -16.72 -6.74
CA VAL B 357 0.89 -15.56 -5.97
C VAL B 357 -0.62 -15.41 -6.09
N THR B 358 -1.16 -15.64 -7.29
CA THR B 358 -2.60 -15.54 -7.47
C THR B 358 -3.33 -16.55 -6.59
N LEU B 359 -2.84 -17.79 -6.55
CA LEU B 359 -3.48 -18.80 -5.71
C LEU B 359 -3.38 -18.44 -4.23
N LYS B 360 -2.21 -17.97 -3.79
CA LYS B 360 -2.05 -17.62 -2.38
C LYS B 360 -2.97 -16.46 -1.99
N GLN B 361 -3.04 -15.42 -2.83
CA GLN B 361 -3.90 -14.29 -2.53
C GLN B 361 -5.37 -14.68 -2.59
N THR B 362 -5.74 -15.56 -3.52
CA THR B 362 -7.11 -16.05 -3.56
C THR B 362 -7.44 -16.83 -2.30
N ALA B 363 -6.51 -17.65 -1.82
CA ALA B 363 -6.74 -18.38 -0.59
C ALA B 363 -6.92 -17.43 0.59
N ALA B 364 -6.10 -16.39 0.66
CA ALA B 364 -6.24 -15.41 1.73
C ALA B 364 -7.59 -14.71 1.67
N MET B 365 -7.99 -14.28 0.47
CA MET B 365 -9.26 -13.58 0.32
C MET B 365 -10.43 -14.49 0.67
N LEU B 366 -10.40 -15.75 0.22
CA LEU B 366 -11.49 -16.66 0.51
C LEU B 366 -11.55 -17.00 2.00
N SER B 367 -10.40 -17.14 2.64
CA SER B 367 -10.39 -17.37 4.09
C SER B 367 -11.01 -16.18 4.82
N GLY B 368 -10.62 -14.97 4.43
CA GLY B 368 -11.22 -13.80 5.06
C GLY B 368 -12.71 -13.73 4.85
N ALA B 369 -13.18 -14.01 3.64
CA ALA B 369 -14.61 -13.97 3.36
C ALA B 369 -15.36 -15.03 4.14
N VAL B 370 -14.83 -16.25 4.20
CA VAL B 370 -15.52 -17.34 4.86
C VAL B 370 -15.58 -17.11 6.37
N ASP B 371 -14.47 -16.65 6.95
CA ASP B 371 -14.46 -16.42 8.39
C ASP B 371 -15.49 -15.36 8.79
N SER B 372 -15.58 -14.29 8.01
CA SER B 372 -16.52 -13.20 8.30
C SER B 372 -17.96 -13.58 8.01
N GLY B 373 -18.21 -14.71 7.36
CA GLY B 373 -19.56 -15.10 7.00
C GLY B 373 -20.08 -14.49 5.72
N VAL B 374 -19.20 -13.92 4.89
CA VAL B 374 -19.65 -13.32 3.64
C VAL B 374 -20.26 -14.38 2.73
N MET B 375 -19.62 -15.53 2.63
CA MET B 375 -20.10 -16.64 1.82
C MET B 375 -19.89 -17.94 2.58
N PRO B 376 -20.65 -18.99 2.25
CA PRO B 376 -20.44 -20.28 2.90
C PRO B 376 -19.18 -20.97 2.37
N PHE B 377 -18.77 -22.02 3.08
CA PHE B 377 -17.49 -22.66 2.77
C PHE B 377 -17.52 -23.34 1.41
N HIS B 378 -18.64 -23.97 1.04
CA HIS B 378 -18.69 -24.67 -0.23
C HIS B 378 -18.57 -23.70 -1.40
N SER B 379 -19.14 -22.51 -1.28
CA SER B 379 -18.96 -21.50 -2.31
C SER B 379 -17.48 -21.14 -2.46
N ALA B 380 -16.77 -20.99 -1.34
CA ALA B 380 -15.35 -20.71 -1.40
C ALA B 380 -14.58 -21.87 -2.04
N GLU B 381 -14.98 -23.11 -1.75
CA GLU B 381 -14.34 -24.25 -2.37
C GLU B 381 -14.51 -24.22 -3.88
N ARG B 382 -15.74 -23.95 -4.34
CA ARG B 382 -15.98 -23.88 -5.78
C ARG B 382 -15.18 -22.74 -6.41
N LEU B 383 -15.13 -21.59 -5.75
CA LEU B 383 -14.39 -20.46 -6.30
C LEU B 383 -12.89 -20.77 -6.37
N PHE B 384 -12.35 -21.45 -5.35
CA PHE B 384 -10.94 -21.82 -5.39
C PHE B 384 -10.66 -22.79 -6.52
N GLN B 385 -11.56 -23.76 -6.74
CA GLN B 385 -11.38 -24.68 -7.85
C GLN B 385 -11.41 -23.95 -9.19
N ILE B 386 -12.35 -23.01 -9.34
CA ILE B 386 -12.45 -22.25 -10.58
C ILE B 386 -11.19 -21.41 -10.80
N LYS B 387 -10.68 -20.80 -9.74
CA LYS B 387 -9.46 -20.01 -9.87
C LYS B 387 -8.28 -20.88 -10.25
N GLN B 388 -8.20 -22.09 -9.69
CA GLN B 388 -7.15 -23.02 -10.09
C GLN B 388 -7.26 -23.36 -11.57
N GLN B 389 -8.49 -23.61 -12.04
CA GLN B 389 -8.68 -23.90 -13.46
C GLN B 389 -8.26 -22.72 -14.33
N GLU B 390 -8.61 -21.50 -13.93
CA GLU B 390 -8.24 -20.32 -14.71
C GLU B 390 -6.72 -20.13 -14.73
N CYS B 391 -6.07 -20.34 -13.59
CA CYS B 391 -4.62 -20.24 -13.53
C CYS B 391 -3.97 -21.29 -14.43
N ALA B 392 -4.53 -22.49 -14.45
CA ALA B 392 -4.02 -23.52 -15.35
C ALA B 392 -4.16 -23.09 -16.80
N TYR B 393 -5.31 -22.52 -17.14
CA TYR B 393 -5.53 -22.07 -18.52
C TYR B 393 -4.58 -20.94 -18.89
N ARG B 394 -4.18 -20.11 -17.92
CA ARG B 394 -3.37 -18.94 -18.23
C ARG B 394 -1.87 -19.20 -18.19
N TYR B 395 -1.40 -20.13 -17.36
CA TYR B 395 0.03 -20.29 -17.08
C TYR B 395 0.61 -21.63 -17.49
N ASN B 396 -0.20 -22.59 -17.90
CA ASN B 396 0.30 -23.93 -18.22
C ASN B 396 0.80 -23.94 -19.67
N ASN B 397 2.03 -23.48 -19.84
CA ASN B 397 2.66 -23.42 -21.15
C ASN B 397 4.17 -23.41 -20.94
N PRO B 398 4.95 -23.67 -22.00
CA PRO B 398 6.41 -23.76 -21.82
C PRO B 398 7.05 -22.48 -21.31
N THR B 399 6.40 -21.33 -21.48
CA THR B 399 7.02 -20.08 -21.05
C THR B 399 7.28 -20.06 -19.56
N TYR B 400 6.33 -20.58 -18.76
CA TYR B 400 6.43 -20.50 -17.31
C TYR B 400 6.89 -21.80 -16.66
N THR B 401 6.65 -22.94 -17.28
CA THR B 401 6.99 -24.23 -16.66
C THR B 401 7.43 -25.21 -17.73
N THR B 402 8.23 -26.20 -17.29
CA THR B 402 8.64 -27.30 -18.14
C THR B 402 8.60 -28.63 -17.39
N ARG B 403 7.88 -28.69 -16.28
CA ARG B 403 7.79 -29.88 -15.45
C ARG B 403 6.48 -30.61 -15.69
N ASN B 404 6.42 -31.87 -15.23
CA ASN B 404 5.20 -32.66 -15.32
C ASN B 404 4.95 -33.48 -14.06
N GLU B 405 5.56 -33.11 -12.94
CA GLU B 405 5.37 -33.86 -11.70
C GLU B 405 3.90 -33.85 -11.30
N ASP B 406 3.42 -34.99 -10.82
CA ASP B 406 2.01 -35.13 -10.50
C ASP B 406 1.60 -34.19 -9.38
N PHE B 407 2.42 -34.07 -8.34
CA PHE B 407 2.04 -33.26 -7.18
C PHE B 407 1.95 -31.78 -7.51
N LEU B 408 2.51 -31.34 -8.63
CA LEU B 408 2.48 -29.94 -8.98
C LEU B 408 1.06 -29.49 -9.30
N PRO B 409 0.78 -28.19 -9.17
CA PRO B 409 -0.52 -27.69 -9.60
C PRO B 409 -0.69 -27.81 -11.10
N THR B 410 -1.95 -27.89 -11.54
CA THR B 410 -2.23 -28.03 -12.97
C THR B 410 -1.69 -26.86 -13.77
N CYS B 411 -1.44 -25.71 -13.12
CA CYS B 411 -0.90 -24.55 -13.82
C CYS B 411 0.62 -24.58 -13.96
N LEU B 412 1.29 -25.55 -13.33
CA LEU B 412 2.73 -25.71 -13.46
C LEU B 412 3.07 -27.04 -14.14
N GLY B 413 2.16 -27.54 -14.97
CA GLY B 413 2.37 -28.80 -15.66
C GLY B 413 1.98 -30.03 -14.87
N GLY B 414 1.47 -29.87 -13.66
CA GLY B 414 1.06 -30.99 -12.84
C GLY B 414 -0.37 -31.42 -13.12
N LYS B 415 -0.92 -32.22 -12.21
CA LYS B 415 -2.29 -32.70 -12.34
C LYS B 415 -3.04 -32.66 -11.02
N THR B 416 -2.63 -31.81 -10.08
CA THR B 416 -3.24 -31.73 -8.76
C THR B 416 -4.06 -30.45 -8.67
N VAL B 417 -5.34 -30.60 -8.35
CA VAL B 417 -6.23 -29.48 -8.07
C VAL B 417 -6.60 -29.59 -6.60
N ILE B 418 -5.87 -28.86 -5.75
CA ILE B 418 -6.02 -29.02 -4.31
C ILE B 418 -7.38 -28.48 -3.86
N SER B 419 -8.00 -29.19 -2.91
CA SER B 419 -9.21 -28.70 -2.29
C SER B 419 -8.89 -27.58 -1.31
N PHE B 420 -9.79 -26.60 -1.22
CA PHE B 420 -9.57 -25.47 -0.33
C PHE B 420 -9.45 -25.93 1.12
N GLN B 421 -10.35 -26.82 1.55
CA GLN B 421 -10.28 -27.34 2.91
C GLN B 421 -8.99 -28.12 3.13
N SER B 422 -8.58 -28.91 2.14
CA SER B 422 -7.33 -29.67 2.27
C SER B 422 -6.15 -28.73 2.41
N LEU B 423 -6.12 -27.66 1.62
CA LEU B 423 -5.02 -26.69 1.72
C LEU B 423 -5.01 -26.01 3.08
N LEU B 424 -6.18 -25.59 3.56
CA LEU B 424 -6.23 -24.84 4.80
C LEU B 424 -5.83 -25.68 6.00
N THR B 425 -5.97 -27.00 5.91
CA THR B 425 -5.61 -27.90 6.99
C THR B 425 -4.19 -28.43 6.88
N TRP B 426 -3.41 -27.97 5.91
CA TRP B 426 -2.05 -28.43 5.70
C TRP B 426 -2.00 -29.91 5.33
N ASP B 427 -3.10 -30.44 4.79
CA ASP B 427 -3.18 -31.84 4.40
C ASP B 427 -2.93 -31.91 2.89
N CYS B 428 -1.66 -31.80 2.53
CA CYS B 428 -1.29 -31.77 1.12
C CYS B 428 0.23 -31.93 1.02
N HIS B 429 0.72 -31.93 -0.22
CA HIS B 429 2.15 -32.02 -0.47
C HIS B 429 2.85 -30.77 0.08
N PRO B 430 4.08 -30.92 0.56
CA PRO B 430 4.79 -29.73 1.07
C PRO B 430 4.92 -28.62 0.04
N PHE B 431 4.93 -28.94 -1.26
CA PHE B 431 5.02 -27.91 -2.28
C PHE B 431 3.88 -26.92 -2.16
N TRP B 432 2.73 -27.34 -1.63
CA TRP B 432 1.58 -26.47 -1.50
C TRP B 432 1.63 -25.59 -0.26
N TYR B 433 2.60 -25.81 0.64
CA TYR B 433 2.69 -24.98 1.83
C TYR B 433 2.85 -23.51 1.48
N GLN B 434 3.62 -23.23 0.43
CA GLN B 434 3.81 -21.84 0.01
C GLN B 434 2.50 -21.19 -0.44
N VAL B 435 1.51 -21.99 -0.85
CA VAL B 435 0.24 -21.43 -1.27
C VAL B 435 -0.66 -21.09 -0.09
N HIS B 436 -0.40 -21.68 1.08
CA HIS B 436 -1.19 -21.36 2.26
C HIS B 436 -0.97 -19.89 2.63
N PRO B 437 -2.03 -19.16 3.00
CA PRO B 437 -1.84 -17.74 3.34
C PRO B 437 -0.82 -17.51 4.44
N ASP B 438 -0.74 -18.43 5.40
CA ASP B 438 0.22 -18.35 6.49
C ASP B 438 1.53 -19.07 6.19
N GLY B 439 1.66 -19.66 5.00
CA GLY B 439 2.83 -20.43 4.67
C GLY B 439 3.96 -19.57 4.12
N PRO B 440 5.04 -20.21 3.68
CA PRO B 440 6.19 -19.47 3.16
C PRO B 440 5.83 -18.65 1.94
N ASP B 441 6.77 -17.80 1.53
CA ASP B 441 6.61 -17.04 0.32
C ASP B 441 6.77 -17.95 -0.91
N THR B 442 6.08 -17.58 -1.99
CA THR B 442 6.08 -18.38 -3.19
C THR B 442 7.32 -18.08 -4.03
N ILE B 443 7.54 -18.92 -5.04
CA ILE B 443 8.70 -18.76 -5.92
C ILE B 443 8.61 -17.44 -6.67
N ASP B 444 7.42 -17.10 -7.17
CA ASP B 444 7.26 -15.84 -7.90
C ASP B 444 7.60 -14.66 -7.03
N GLN B 445 7.18 -14.69 -5.77
CA GLN B 445 7.45 -13.56 -4.87
C GLN B 445 8.94 -13.35 -4.68
N LYS B 446 9.69 -14.44 -4.47
CA LYS B 446 11.13 -14.31 -4.31
C LYS B 446 11.79 -13.81 -5.61
N VAL B 447 11.36 -14.35 -6.75
CA VAL B 447 11.93 -13.92 -8.02
C VAL B 447 11.70 -12.43 -8.22
N LEU B 448 10.47 -11.97 -7.99
CA LEU B 448 10.15 -10.56 -8.18
C LEU B 448 10.90 -9.69 -7.19
N SER B 449 11.06 -10.16 -5.94
CA SER B 449 11.80 -9.37 -4.95
C SER B 449 13.25 -9.20 -5.38
N VAL B 450 13.88 -10.27 -5.87
CA VAL B 450 15.27 -10.17 -6.32
C VAL B 450 15.36 -9.21 -7.50
N LEU B 451 14.48 -9.38 -8.49
CA LEU B 451 14.51 -8.51 -9.66
C LEU B 451 14.31 -7.04 -9.26
N ALA B 452 13.42 -6.79 -8.30
CA ALA B 452 13.25 -5.43 -7.80
C ALA B 452 14.54 -4.93 -7.14
N SER B 453 15.19 -5.78 -6.35
CA SER B 453 16.46 -5.40 -5.75
C SER B 453 17.49 -5.04 -6.82
N LYS B 454 17.35 -5.59 -8.02
CA LYS B 454 18.26 -5.30 -9.12
C LYS B 454 17.88 -4.04 -9.90
N THR B 455 16.84 -3.32 -9.50
CA THR B 455 16.39 -2.16 -10.26
C THR B 455 17.39 -1.01 -10.15
N ARG B 456 17.24 -0.04 -11.05
CA ARG B 456 18.20 1.06 -11.14
C ARG B 456 18.21 1.88 -9.85
N ARG B 457 17.03 2.20 -9.32
CA ARG B 457 16.96 3.03 -8.12
C ARG B 457 17.46 2.29 -6.88
N ARG B 458 17.45 0.96 -6.89
CA ARG B 458 17.80 0.18 -5.71
C ARG B 458 19.08 -0.63 -5.88
N ARG B 459 19.64 -0.70 -7.09
CA ARG B 459 20.87 -1.46 -7.28
C ARG B 459 22.01 -0.84 -6.50
N THR B 460 22.82 -1.70 -5.88
CA THR B 460 24.00 -1.25 -5.14
C THR B 460 25.07 -2.31 -5.24
N ARG B 461 26.33 -1.87 -5.14
CA ARG B 461 27.47 -2.76 -5.15
C ARG B 461 27.96 -3.10 -3.76
N LEU B 462 27.28 -2.63 -2.72
CA LEU B 462 27.69 -2.94 -1.36
C LEU B 462 27.61 -4.43 -1.10
N GLU B 463 28.55 -4.92 -0.30
CA GLU B 463 28.57 -6.32 0.11
C GLU B 463 27.40 -6.59 1.05
N ALA B 464 26.45 -7.40 0.60
CA ALA B 464 25.23 -7.60 1.36
C ALA B 464 25.53 -8.17 2.74
N LEU B 465 24.85 -7.65 3.75
CA LEU B 465 24.96 -8.11 5.13
C LEU B 465 23.60 -8.66 5.55
N SER B 466 23.37 -9.93 5.26
CA SER B 466 22.13 -10.60 5.61
C SER B 466 22.44 -11.82 6.46
N ASP B 467 21.39 -12.40 7.05
CA ASP B 467 21.51 -13.55 7.95
C ASP B 467 22.45 -13.18 9.10
N LEU B 468 21.91 -12.35 9.98
CA LEU B 468 22.65 -11.87 11.14
C LEU B 468 22.24 -12.64 12.40
N ASP B 469 23.10 -12.58 13.40
CA ASP B 469 22.80 -13.24 14.67
C ASP B 469 21.65 -12.51 15.36
N PRO B 470 20.61 -13.21 15.80
CA PRO B 470 19.48 -12.52 16.44
C PRO B 470 19.89 -11.64 17.62
N LEU B 471 20.98 -11.98 18.31
CA LEU B 471 21.38 -11.24 19.50
C LEU B 471 22.03 -9.89 19.18
N VAL B 472 22.35 -9.62 17.92
CA VAL B 472 22.99 -8.37 17.55
C VAL B 472 21.93 -7.30 17.32
N PRO B 473 21.91 -6.21 18.08
CA PRO B 473 20.94 -5.14 17.81
C PRO B 473 21.19 -4.49 16.47
N HIS B 474 20.11 -3.98 15.88
CA HIS B 474 20.20 -3.31 14.59
C HIS B 474 20.66 -1.87 14.70
N ARG B 475 20.80 -1.34 15.92
CA ARG B 475 21.33 -0.01 16.13
C ARG B 475 22.83 0.01 16.37
N LEU B 476 23.47 -1.16 16.34
CA LEU B 476 24.91 -1.26 16.54
C LEU B 476 25.64 -0.66 15.35
N LEU B 477 26.65 0.15 15.63
CA LEU B 477 27.45 0.77 14.58
C LEU B 477 28.49 -0.21 14.05
N VAL B 478 28.62 -0.28 12.73
CA VAL B 478 29.57 -1.17 12.09
C VAL B 478 30.33 -0.41 11.02
N SER B 479 31.53 -0.91 10.72
CA SER B 479 32.36 -0.38 9.64
C SER B 479 32.54 -1.46 8.58
N GLU B 480 33.28 -1.11 7.52
CA GLU B 480 33.52 -2.06 6.43
C GLU B 480 34.23 -3.30 6.94
N SER B 481 35.26 -3.13 7.77
CA SER B 481 35.96 -4.28 8.33
C SER B 481 35.03 -5.13 9.18
N ASP B 482 34.16 -4.50 9.97
CA ASP B 482 33.26 -5.24 10.83
C ASP B 482 32.32 -6.13 10.01
N VAL B 483 31.69 -5.55 8.97
CA VAL B 483 30.78 -6.32 8.15
C VAL B 483 31.53 -7.43 7.42
N SER B 484 32.77 -7.15 7.00
CA SER B 484 33.58 -8.20 6.39
C SER B 484 33.79 -9.35 7.35
N LYS B 485 34.13 -9.05 8.61
CA LYS B 485 34.33 -10.11 9.59
C LYS B 485 33.06 -10.90 9.84
N ILE B 486 31.93 -10.22 9.97
CA ILE B 486 30.66 -10.91 10.22
C ILE B 486 30.34 -11.85 9.08
N ARG B 487 30.45 -11.36 7.84
CA ARG B 487 30.14 -12.20 6.69
C ARG B 487 31.10 -13.37 6.60
N ALA B 488 32.40 -13.14 6.85
CA ALA B 488 33.36 -14.22 6.78
C ALA B 488 33.05 -15.30 7.80
N ALA B 489 32.76 -14.91 9.04
CA ALA B 489 32.47 -15.88 10.08
C ALA B 489 31.19 -16.66 9.74
N ARG B 490 30.15 -15.96 9.29
CA ARG B 490 28.90 -16.65 8.97
C ARG B 490 29.08 -17.62 7.81
N GLN B 491 29.82 -17.21 6.77
CA GLN B 491 30.05 -18.08 5.63
C GLN B 491 30.88 -19.30 6.05
N ALA B 492 31.87 -19.10 6.92
CA ALA B 492 32.66 -20.23 7.40
C ALA B 492 31.79 -21.21 8.17
N HIS B 493 30.93 -20.69 9.05
CA HIS B 493 30.03 -21.58 9.79
C HIS B 493 29.08 -22.33 8.86
N LEU B 494 28.53 -21.63 7.87
CA LEU B 494 27.61 -22.28 6.94
C LEU B 494 28.32 -23.37 6.14
N LYS B 495 29.53 -23.09 5.67
CA LYS B 495 30.29 -24.10 4.93
C LYS B 495 30.64 -25.29 5.82
N SER B 496 30.95 -25.03 7.10
CA SER B 496 31.15 -26.14 8.03
C SER B 496 29.89 -26.98 8.15
N LEU B 497 28.72 -26.32 8.20
CA LEU B 497 27.47 -27.05 8.27
C LEU B 497 27.12 -27.73 6.96
N GLY B 498 27.82 -27.40 5.87
CA GLY B 498 27.56 -27.99 4.58
C GLY B 498 26.48 -27.31 3.77
N LEU B 499 25.94 -26.20 4.24
CA LEU B 499 24.90 -25.46 3.53
C LEU B 499 25.53 -24.31 2.76
N GLU B 500 25.20 -24.22 1.47
CA GLU B 500 25.72 -23.12 0.66
C GLU B 500 24.98 -21.81 0.97
N GLN B 501 23.70 -21.90 1.30
CA GLN B 501 22.90 -20.75 1.70
C GLN B 501 22.06 -21.12 2.91
N PRO B 502 21.60 -20.14 3.67
CA PRO B 502 20.81 -20.45 4.86
C PRO B 502 19.47 -21.08 4.49
N THR B 503 18.97 -21.91 5.39
CA THR B 503 17.70 -22.60 5.17
C THR B 503 16.55 -21.71 5.60
N ASN B 504 15.56 -21.55 4.72
CA ASN B 504 14.42 -20.71 5.03
C ASN B 504 13.71 -21.21 6.29
N PHE B 505 13.33 -20.27 7.15
CA PHE B 505 12.65 -20.56 8.39
C PHE B 505 11.23 -20.01 8.34
N ASN B 506 10.26 -20.87 8.66
CA ASN B 506 8.85 -20.48 8.72
C ASN B 506 8.35 -20.72 10.14
N TYR B 507 7.74 -19.69 10.73
CA TYR B 507 7.29 -19.79 12.11
C TYR B 507 6.20 -20.85 12.26
N ALA B 508 5.21 -20.83 11.36
CA ALA B 508 4.09 -21.76 11.49
C ALA B 508 4.55 -23.20 11.36
N ILE B 509 5.37 -23.49 10.35
CA ILE B 509 5.83 -24.86 10.14
C ILE B 509 6.69 -25.33 11.31
N TYR B 510 7.59 -24.46 11.77
CA TYR B 510 8.45 -24.84 12.89
C TYR B 510 7.62 -25.12 14.14
N LYS B 511 6.65 -24.26 14.44
CA LYS B 511 5.83 -24.46 15.63
C LYS B 511 4.96 -25.72 15.50
N ALA B 512 4.48 -26.03 14.30
CA ALA B 512 3.66 -27.22 14.12
C ALA B 512 4.49 -28.49 14.27
N VAL B 513 5.69 -28.51 13.67
CA VAL B 513 6.50 -29.72 13.69
C VAL B 513 7.05 -30.01 15.08
N GLN B 514 7.08 -29.01 15.97
CA GLN B 514 7.59 -29.25 17.30
C GLN B 514 6.67 -30.20 18.07
N PRO B 515 7.22 -30.96 19.03
CA PRO B 515 6.42 -31.95 19.76
C PRO B 515 5.50 -31.30 20.80
N MET C 1 38.56 1.74 -5.02
CA MET C 1 38.00 2.26 -3.74
C MET C 1 36.76 1.43 -3.37
N SER C 2 36.62 1.12 -2.09
CA SER C 2 35.51 0.29 -1.65
C SER C 2 34.18 1.04 -1.78
N GLN C 3 33.10 0.26 -1.91
CA GLN C 3 31.77 0.85 -1.98
C GLN C 3 31.37 1.50 -0.68
N PHE C 4 31.94 1.07 0.44
CA PHE C 4 31.59 1.64 1.74
C PHE C 4 31.94 3.13 1.79
N GLY C 5 33.11 3.49 1.27
CA GLY C 5 33.52 4.88 1.30
C GLY C 5 32.80 5.77 0.31
N LYS C 6 32.07 5.18 -0.64
CA LYS C 6 31.32 5.95 -1.61
C LYS C 6 29.86 6.09 -1.21
N SER C 7 29.22 4.99 -0.80
CA SER C 7 27.82 5.06 -0.38
C SER C 7 27.68 5.83 0.92
N PHE C 8 28.66 5.72 1.81
CA PHE C 8 28.65 6.38 3.11
C PHE C 8 29.79 7.40 3.20
N LYS C 9 29.97 8.19 2.14
CA LYS C 9 31.06 9.14 2.10
C LYS C 9 31.03 10.07 3.31
N GLY C 10 32.17 10.26 3.94
CA GLY C 10 32.29 11.13 5.09
C GLY C 10 31.99 10.48 6.42
N ARG C 11 31.63 9.20 6.43
CA ARG C 11 31.33 8.48 7.66
C ARG C 11 32.09 7.17 7.68
N THR C 12 32.65 6.82 8.83
CA THR C 12 33.41 5.59 8.99
C THR C 12 32.61 4.47 9.62
N GLU C 13 31.46 4.77 10.23
CA GLU C 13 30.63 3.75 10.84
C GLU C 13 29.16 4.13 10.65
N VAL C 14 28.34 3.13 10.34
CA VAL C 14 26.91 3.31 10.17
C VAL C 14 26.18 2.22 10.93
N THR C 15 24.93 2.49 11.26
CA THR C 15 24.11 1.51 11.98
C THR C 15 23.81 0.32 11.08
N ILE C 16 23.62 -0.84 11.71
CA ILE C 16 23.29 -2.05 10.96
C ILE C 16 21.97 -1.87 10.22
N THR C 17 21.05 -1.07 10.78
CA THR C 17 19.77 -0.84 10.13
C THR C 17 19.97 -0.22 8.74
N GLU C 18 20.80 0.82 8.66
CA GLU C 18 21.03 1.49 7.39
C GLU C 18 21.70 0.56 6.38
N TYR C 19 22.73 -0.17 6.83
CA TYR C 19 23.43 -1.08 5.92
C TYR C 19 22.47 -2.15 5.40
N ARG C 20 21.66 -2.72 6.28
CA ARG C 20 20.69 -3.73 5.84
C ARG C 20 19.69 -3.13 4.87
N SER C 21 19.20 -1.92 5.15
CA SER C 21 18.23 -1.29 4.27
C SER C 21 18.82 -1.04 2.89
N HIS C 22 20.13 -0.77 2.83
CA HIS C 22 20.76 -0.53 1.53
C HIS C 22 20.77 -1.78 0.66
N THR C 23 20.66 -2.97 1.25
CA THR C 23 20.64 -4.23 0.51
C THR C 23 19.42 -5.03 0.98
N VAL C 24 18.27 -4.77 0.35
CA VAL C 24 17.01 -5.41 0.69
C VAL C 24 16.48 -6.09 -0.57
N LYS C 25 16.21 -7.39 -0.47
CA LYS C 25 15.70 -8.15 -1.61
C LYS C 25 14.62 -9.14 -1.18
N ASP C 26 13.91 -8.86 -0.08
CA ASP C 26 12.92 -9.79 0.46
C ASP C 26 11.55 -9.13 0.62
N VAL C 27 11.31 -7.99 -0.02
CA VAL C 27 10.03 -7.29 0.03
C VAL C 27 9.33 -7.48 -1.30
N HIS C 28 8.09 -7.94 -1.25
CA HIS C 28 7.28 -8.21 -2.44
C HIS C 28 6.21 -7.16 -2.59
N ARG C 29 6.03 -6.67 -3.82
CA ARG C 29 5.00 -5.69 -4.14
C ARG C 29 4.19 -6.23 -5.31
N SER C 30 2.88 -6.34 -5.12
CA SER C 30 2.00 -6.80 -6.19
C SER C 30 1.78 -5.67 -7.18
N LEU C 31 2.25 -5.83 -8.40
CA LEU C 31 2.26 -4.78 -9.40
C LEU C 31 1.73 -5.29 -10.72
N LEU C 32 1.37 -4.35 -11.59
CA LEU C 32 0.83 -4.71 -12.90
C LEU C 32 1.86 -5.47 -13.75
N THR C 33 3.11 -5.03 -13.70
CA THR C 33 4.17 -5.61 -14.54
C THR C 33 4.79 -6.83 -13.87
N ALA C 34 3.92 -7.81 -13.57
CA ALA C 34 4.33 -9.05 -12.94
C ALA C 34 4.54 -10.18 -13.93
N ASP C 35 3.55 -10.41 -14.81
CA ASP C 35 3.70 -11.48 -15.80
C ASP C 35 4.85 -11.21 -16.75
N LYS C 36 5.00 -9.94 -17.18
CA LYS C 36 6.12 -9.60 -18.04
C LYS C 36 7.45 -9.86 -17.34
N SER C 37 7.56 -9.46 -16.07
CA SER C 37 8.80 -9.69 -15.35
C SER C 37 9.09 -11.18 -15.20
N LEU C 38 8.07 -11.98 -14.90
CA LEU C 38 8.28 -13.41 -14.75
C LEU C 38 8.69 -14.04 -16.07
N ARG C 39 8.09 -13.59 -17.18
CA ARG C 39 8.44 -14.15 -18.49
C ARG C 39 9.86 -13.76 -18.89
N LYS C 40 10.29 -12.55 -18.57
CA LYS C 40 11.59 -12.07 -19.01
C LYS C 40 12.71 -13.02 -18.58
N SER C 41 13.51 -13.45 -19.55
CA SER C 41 14.68 -14.30 -19.32
C SER C 41 14.31 -15.64 -18.69
N PHE C 42 13.02 -16.01 -18.74
CA PHE C 42 12.57 -17.29 -18.17
C PHE C 42 12.97 -17.40 -16.70
N CYS C 43 12.90 -16.27 -15.99
CA CYS C 43 13.34 -16.25 -14.60
C CYS C 43 12.48 -17.16 -13.74
N PHE C 44 11.16 -17.13 -13.92
CA PHE C 44 10.30 -17.98 -13.12
C PHE C 44 10.52 -19.46 -13.46
N ARG C 45 10.71 -19.78 -14.74
CA ARG C 45 10.96 -21.16 -15.12
C ARG C 45 12.24 -21.66 -14.46
N ASN C 46 13.31 -20.86 -14.52
CA ASN C 46 14.57 -21.25 -13.89
C ASN C 46 14.41 -21.39 -12.38
N ALA C 47 13.68 -20.47 -11.77
CA ALA C 47 13.48 -20.53 -10.32
C ALA C 47 12.69 -21.77 -9.92
N LEU C 48 11.67 -22.13 -10.70
CA LEU C 48 10.92 -23.35 -10.43
C LEU C 48 11.80 -24.58 -10.57
N ASN C 49 12.64 -24.61 -11.62
CA ASN C 49 13.56 -25.72 -11.78
C ASN C 49 14.49 -25.83 -10.58
N GLN C 50 15.03 -24.70 -10.13
CA GLN C 50 15.94 -24.71 -8.98
C GLN C 50 15.23 -25.18 -7.72
N PHE C 51 14.00 -24.70 -7.50
CA PHE C 51 13.26 -25.06 -6.30
C PHE C 51 12.92 -26.54 -6.29
N LEU C 52 12.52 -27.09 -7.43
CA LEU C 52 12.09 -28.48 -7.49
C LEU C 52 13.24 -29.45 -7.23
N ASP C 53 14.49 -29.00 -7.33
CA ASP C 53 15.63 -29.90 -7.24
C ASP C 53 16.61 -29.56 -6.12
N LYS C 54 16.49 -28.38 -5.50
CA LYS C 54 17.43 -28.00 -4.46
C LYS C 54 16.76 -27.57 -3.16
N ASP C 55 15.61 -26.89 -3.24
CA ASP C 55 14.94 -26.36 -2.06
C ASP C 55 13.77 -27.22 -1.61
N LEU C 56 13.01 -27.79 -2.54
CA LEU C 56 11.85 -28.59 -2.15
C LEU C 56 12.22 -29.74 -1.22
N PRO C 57 13.29 -30.52 -1.45
CA PRO C 57 13.63 -31.64 -0.56
C PRO C 57 14.33 -31.21 0.73
N LEU C 58 13.85 -30.11 1.32
CA LEU C 58 14.32 -29.67 2.63
C LEU C 58 13.19 -29.23 3.55
N LEU C 59 11.99 -29.01 3.04
CA LEU C 59 10.89 -28.55 3.88
C LEU C 59 10.36 -29.70 4.73
N PRO C 60 10.29 -29.54 6.05
CA PRO C 60 9.72 -30.62 6.87
C PRO C 60 8.25 -30.82 6.60
N ILE C 61 7.79 -32.04 6.82
CA ILE C 61 6.39 -32.39 6.60
C ILE C 61 5.59 -31.94 7.83
N ARG C 62 4.63 -31.06 7.61
CA ARG C 62 3.81 -30.49 8.67
C ARG C 62 2.57 -31.36 8.91
N PRO C 63 2.32 -31.82 10.13
CA PRO C 63 1.10 -32.61 10.37
C PRO C 63 -0.15 -31.80 10.07
N LYS C 64 -1.17 -32.49 9.55
CA LYS C 64 -2.43 -31.83 9.21
C LYS C 64 -3.28 -31.61 10.46
N LEU C 65 -4.19 -30.64 10.36
CA LEU C 65 -5.07 -30.33 11.49
C LEU C 65 -6.13 -31.42 11.64
N GLU C 66 -6.40 -31.78 12.89
CA GLU C 66 -7.37 -32.83 13.22
C GLU C 66 -8.53 -32.30 14.05
N SER C 67 -8.24 -31.63 15.16
CA SER C 67 -9.29 -31.26 16.11
C SER C 67 -10.26 -30.25 15.50
N ARG C 68 -11.55 -30.48 15.74
CA ARG C 68 -12.59 -29.54 15.35
C ARG C 68 -13.79 -29.74 16.26
N VAL C 69 -14.62 -28.70 16.34
CA VAL C 69 -15.80 -28.71 17.20
C VAL C 69 -16.99 -28.14 16.43
N ALA C 70 -18.18 -28.44 16.93
CA ALA C 70 -19.39 -27.91 16.32
C ALA C 70 -19.45 -26.39 16.49
N VAL C 71 -19.85 -25.69 15.44
CA VAL C 71 -19.95 -24.25 15.44
C VAL C 71 -21.30 -23.84 14.85
N LYS C 72 -21.76 -22.65 15.23
CA LYS C 72 -23.00 -22.10 14.71
C LYS C 72 -22.77 -20.64 14.34
N LYS C 73 -23.49 -20.19 13.32
CA LYS C 73 -23.38 -18.80 12.90
C LYS C 73 -23.81 -17.88 14.03
N SER C 74 -23.05 -16.81 14.23
CA SER C 74 -23.28 -15.89 15.34
C SER C 74 -23.00 -14.47 14.86
N LYS C 75 -23.11 -13.51 15.79
CA LYS C 75 -22.81 -12.13 15.48
C LYS C 75 -21.32 -11.95 15.24
N LEU C 76 -20.99 -11.01 14.35
CA LEU C 76 -19.60 -10.73 14.05
C LEU C 76 -18.85 -10.32 15.31
N ARG C 77 -17.67 -10.89 15.51
CA ARG C 77 -16.81 -10.53 16.62
C ARG C 77 -15.36 -10.53 16.13
N SER C 78 -14.46 -10.10 17.01
CA SER C 78 -13.04 -10.05 16.70
C SER C 78 -12.32 -11.12 17.51
N GLN C 79 -11.68 -12.05 16.82
CA GLN C 79 -10.88 -13.08 17.45
C GLN C 79 -9.45 -12.59 17.56
N LEU C 80 -8.93 -12.56 18.78
CA LEU C 80 -7.56 -12.16 19.07
C LEU C 80 -6.79 -13.42 19.45
N SER C 81 -5.74 -13.74 18.70
CA SER C 81 -4.87 -14.85 19.04
C SER C 81 -3.45 -14.34 19.18
N PHE C 82 -2.82 -14.67 20.31
CA PHE C 82 -1.49 -14.21 20.66
C PHE C 82 -0.49 -15.30 20.31
N ARG C 83 0.28 -15.10 19.24
CA ARG C 83 1.34 -16.02 18.88
C ARG C 83 2.65 -15.52 19.48
N PRO C 84 3.26 -16.24 20.41
CA PRO C 84 4.48 -15.76 21.04
C PRO C 84 5.71 -15.99 20.18
N GLY C 85 6.69 -15.13 20.35
CA GLY C 85 7.93 -15.24 19.61
C GLY C 85 8.86 -16.28 20.20
N LEU C 86 9.93 -16.55 19.46
CA LEU C 86 10.92 -17.52 19.90
C LEU C 86 11.64 -17.00 21.14
N THR C 87 12.06 -17.93 21.99
CA THR C 87 12.86 -17.57 23.16
C THR C 87 14.31 -17.35 22.74
N GLN C 88 15.07 -16.69 23.61
CA GLN C 88 16.45 -16.36 23.30
C GLN C 88 17.26 -17.63 23.02
N GLU C 89 17.12 -18.64 23.88
CA GLU C 89 17.86 -19.88 23.68
C GLU C 89 17.40 -20.59 22.42
N GLU C 90 16.09 -20.59 22.16
CA GLU C 90 15.58 -21.19 20.94
C GLU C 90 16.15 -20.50 19.70
N ALA C 91 16.19 -19.16 19.71
CA ALA C 91 16.76 -18.44 18.59
C ALA C 91 18.24 -18.74 18.42
N ILE C 92 18.98 -18.80 19.52
CA ILE C 92 20.41 -19.11 19.44
C ILE C 92 20.61 -20.48 18.82
N ASP C 93 19.84 -21.47 19.28
CA ASP C 93 19.97 -22.82 18.75
C ASP C 93 19.63 -22.85 17.26
N LEU C 94 18.53 -22.21 16.87
CA LEU C 94 18.14 -22.22 15.46
C LEU C 94 19.20 -21.56 14.60
N TYR C 95 19.77 -20.45 15.08
CA TYR C 95 20.86 -19.83 14.35
C TYR C 95 22.04 -20.78 14.20
N ASN C 96 22.40 -21.48 15.29
CA ASN C 96 23.52 -22.41 15.25
C ASN C 96 23.25 -23.58 14.30
N LYS C 97 21.98 -23.91 14.06
CA LYS C 97 21.66 -24.98 13.14
C LYS C 97 21.62 -24.52 11.69
N GLY C 98 21.92 -23.25 11.42
CA GLY C 98 22.01 -22.76 10.06
C GLY C 98 20.78 -22.09 9.52
N TYR C 99 19.76 -21.88 10.34
CA TYR C 99 18.56 -21.19 9.89
C TYR C 99 18.85 -19.72 9.63
N ASP C 100 18.14 -19.15 8.65
CA ASP C 100 18.36 -17.76 8.29
C ASP C 100 18.14 -16.87 9.51
N GLY C 101 19.12 -16.01 9.78
CA GLY C 101 19.04 -15.17 10.97
C GLY C 101 17.91 -14.16 10.90
N ASP C 102 17.64 -13.62 9.71
CA ASP C 102 16.62 -12.60 9.58
C ASP C 102 15.24 -13.13 9.96
N SER C 103 14.90 -14.33 9.48
CA SER C 103 13.60 -14.91 9.82
C SER C 103 13.49 -15.21 11.30
N VAL C 104 14.56 -15.71 11.90
CA VAL C 104 14.55 -15.99 13.34
C VAL C 104 14.34 -14.70 14.11
N SER C 105 15.05 -13.64 13.74
CA SER C 105 14.88 -12.36 14.41
C SER C 105 13.44 -11.86 14.26
N GLY C 106 12.88 -11.98 13.06
CA GLY C 106 11.50 -11.58 12.86
C GLY C 106 10.53 -12.35 13.75
N ALA C 107 10.75 -13.65 13.86
CA ALA C 107 9.92 -14.48 14.72
C ALA C 107 10.19 -14.25 16.21
N LEU C 108 11.29 -13.57 16.55
CA LEU C 108 11.61 -13.34 17.95
C LEU C 108 10.52 -12.54 18.65
N GLN C 109 9.93 -11.57 17.94
CA GLN C 109 8.97 -10.68 18.56
C GLN C 109 7.62 -11.36 18.75
N ASP C 110 7.07 -11.22 19.96
CA ASP C 110 5.72 -11.69 20.22
C ASP C 110 4.74 -10.87 19.39
N ARG C 111 3.69 -11.52 18.87
CA ARG C 111 2.72 -10.79 18.07
C ARG C 111 1.31 -11.28 18.38
N VAL C 112 0.34 -10.42 18.03
CA VAL C 112 -1.08 -10.68 18.24
C VAL C 112 -1.77 -10.44 16.91
N VAL C 113 -2.65 -11.36 16.51
CA VAL C 113 -3.39 -11.24 15.27
C VAL C 113 -4.88 -11.12 15.59
N ASN C 114 -5.51 -10.11 15.00
CA ASN C 114 -6.93 -9.85 15.15
C ASN C 114 -7.61 -10.17 13.82
N GLU C 115 -8.65 -11.01 13.88
CA GLU C 115 -9.38 -11.36 12.67
C GLU C 115 -10.88 -11.34 12.93
N PRO C 116 -11.69 -10.84 11.99
CA PRO C 116 -13.15 -10.90 12.17
C PRO C 116 -13.66 -12.31 11.96
N VAL C 117 -14.48 -12.79 12.88
CA VAL C 117 -15.04 -14.14 12.83
C VAL C 117 -16.51 -14.07 13.17
N ALA C 118 -17.32 -14.83 12.43
CA ALA C 118 -18.77 -14.82 12.59
C ALA C 118 -19.30 -16.18 13.05
N TYR C 119 -18.46 -17.02 13.62
CA TYR C 119 -18.86 -18.33 14.11
C TYR C 119 -18.37 -18.50 15.54
N SER C 120 -19.19 -19.16 16.36
CA SER C 120 -18.86 -19.39 17.77
C SER C 120 -19.13 -20.84 18.11
N SER C 121 -18.38 -21.35 19.08
CA SER C 121 -18.56 -22.69 19.61
C SER C 121 -19.12 -22.61 21.02
N ALA C 122 -19.47 -23.79 21.55
CA ALA C 122 -20.04 -23.84 22.90
C ALA C 122 -19.03 -23.37 23.94
N ASP C 123 -17.77 -23.75 23.79
CA ASP C 123 -16.74 -23.43 24.76
C ASP C 123 -16.01 -22.12 24.45
N ASN C 124 -16.40 -21.41 23.40
CA ASN C 124 -15.79 -20.12 23.05
C ASN C 124 -14.28 -20.28 22.89
N ASP C 125 -13.89 -21.06 21.90
CA ASP C 125 -12.49 -21.31 21.58
C ASP C 125 -12.13 -20.68 20.25
N LYS C 126 -10.83 -20.46 20.06
CA LYS C 126 -10.33 -19.83 18.84
C LYS C 126 -10.34 -20.84 17.69
N PHE C 127 -10.21 -20.31 16.47
CA PHE C 127 -10.21 -21.11 15.27
C PHE C 127 -9.01 -20.76 14.40
N HIS C 128 -8.65 -21.68 13.51
CA HIS C 128 -7.55 -21.48 12.60
C HIS C 128 -7.96 -20.55 11.46
N ARG C 129 -6.96 -20.07 10.72
CA ARG C 129 -7.20 -19.15 9.62
C ARG C 129 -8.13 -19.76 8.58
N GLY C 130 -9.33 -19.19 8.44
CA GLY C 130 -10.25 -19.59 7.40
C GLY C 130 -11.05 -20.84 7.69
N LEU C 131 -10.86 -21.47 8.85
CA LEU C 131 -11.55 -22.71 9.19
C LEU C 131 -12.54 -22.52 10.34
N ALA C 132 -12.92 -21.28 10.63
CA ALA C 132 -13.91 -21.05 11.68
C ALA C 132 -15.25 -21.68 11.32
N ALA C 133 -15.64 -21.59 10.05
CA ALA C 133 -16.91 -22.17 9.62
C ALA C 133 -16.95 -23.68 9.78
N LEU C 134 -15.80 -24.34 9.75
CA LEU C 134 -15.74 -25.79 9.92
C LEU C 134 -15.44 -26.22 11.35
N GLY C 135 -14.95 -25.32 12.20
CA GLY C 135 -14.78 -25.59 13.60
C GLY C 135 -13.40 -26.03 14.04
N TYR C 136 -12.40 -25.97 13.16
CA TYR C 136 -11.05 -26.32 13.56
C TYR C 136 -10.55 -25.34 14.61
N THR C 137 -10.03 -25.87 15.71
CA THR C 137 -9.68 -25.08 16.88
C THR C 137 -8.17 -25.01 17.05
N LEU C 138 -7.70 -23.85 17.55
CA LEU C 138 -6.28 -23.69 17.83
C LEU C 138 -5.80 -24.65 18.91
N ALA C 139 -6.60 -24.84 19.96
CA ALA C 139 -6.23 -25.72 21.07
C ALA C 139 -4.91 -25.28 21.68
ZN ZN F . -16.85 -1.89 -36.90
MG MG G . -17.52 7.46 5.14
#